data_5VA8
#
_entry.id   5VA8
#
_cell.length_a   133.560
_cell.length_b   75.130
_cell.length_c   109.880
_cell.angle_alpha   90.00
_cell.angle_beta   90.00
_cell.angle_gamma   90.00
#
_symmetry.space_group_name_H-M   'P 21 21 2'
#
loop_
_entity.id
_entity.type
_entity.pdbx_description
1 polymer 'Short-chain dehydrogenase/reductase SDR'
2 non-polymer 'NADP NICOTINAMIDE-ADENINE-DINUCLEOTIDE PHOSPHATE'
3 non-polymer "3,3',3''-phosphanetriyltripropanoic acid"
4 non-polymer '3[N-MORPHOLINO]PROPANE SULFONIC ACID'
5 water water
#
_entity_poly.entity_id   1
_entity_poly.type   'polypeptide(L)'
_entity_poly.pdbx_seq_one_letter_code
;MAHHHHHHMDLGIAGKSALVCAASKGLGRGCAEALAAEGVNVTIVARTPETLDATAAAIRANAGVDVQAVACDITTPEGR
AAALAACPQPDILVNNAGGPPPGDFRNFTHDDWIRALEANMLTPIELIRATIDGMISRGFGRVVNITSSSVKAPIDVLGL
SNGARSGLTGFIAGVARKVAPNGVTINNLLPGIFDTDRIAVTFDAAAKAQNISVDEARKQRMATIPARRFGTPDEFGRAC
AFLCSVHAGYITGQNWLIDGGAYPGTY
;
_entity_poly.pdbx_strand_id   A,B,C,D
#
loop_
_chem_comp.id
_chem_comp.type
_chem_comp.name
_chem_comp.formula
MPO non-polymer '3[N-MORPHOLINO]PROPANE SULFONIC ACID' 'C7 H15 N O4 S'
NAP non-polymer 'NADP NICOTINAMIDE-ADENINE-DINUCLEOTIDE PHOSPHATE' 'C21 H28 N7 O17 P3'
TCE non-polymer '3,3',3''-phosphanetriyltripropanoic acid' 'C9 H15 O6 P'
#
# COMPACT_ATOMS: atom_id res chain seq x y z
N HIS A 7 33.17 -15.92 0.52
CA HIS A 7 33.42 -14.99 1.61
C HIS A 7 32.26 -15.03 2.61
N HIS A 8 32.14 -14.00 3.44
CA HIS A 8 31.08 -14.01 4.45
C HIS A 8 30.95 -12.62 5.09
N MET A 9 29.71 -12.26 5.43
CA MET A 9 29.37 -10.94 5.94
C MET A 9 29.21 -10.98 7.46
N ASP A 10 29.94 -10.11 8.17
CA ASP A 10 29.89 -10.06 9.63
C ASP A 10 28.68 -9.24 10.07
N LEU A 11 27.72 -9.88 10.74
CA LEU A 11 26.52 -9.17 11.16
C LEU A 11 26.70 -8.39 12.46
N GLY A 12 27.85 -8.51 13.11
CA GLY A 12 28.16 -7.68 14.26
C GLY A 12 27.37 -7.95 15.52
N ILE A 13 26.75 -9.12 15.67
CA ILE A 13 25.86 -9.37 16.80
C ILE A 13 26.31 -10.56 17.63
N ALA A 14 27.56 -11.01 17.46
CA ALA A 14 28.09 -12.07 18.29
C ALA A 14 28.10 -11.64 19.76
N GLY A 15 27.61 -12.53 20.63
CA GLY A 15 27.58 -12.26 22.04
C GLY A 15 26.35 -11.54 22.53
N LYS A 16 25.52 -11.04 21.61
CA LYS A 16 24.26 -10.44 22.00
C LYS A 16 23.29 -11.55 22.41
N SER A 17 22.18 -11.14 23.02
CA SER A 17 21.20 -12.08 23.53
CA SER A 17 21.18 -12.05 23.56
C SER A 17 19.90 -11.93 22.76
N ALA A 18 19.29 -13.08 22.41
CA ALA A 18 18.02 -13.07 21.70
C ALA A 18 17.00 -13.95 22.42
N LEU A 19 15.76 -13.48 22.47
CA LEU A 19 14.62 -14.30 22.87
C LEU A 19 13.85 -14.64 21.61
N VAL A 20 13.76 -15.93 21.28
CA VAL A 20 13.15 -16.39 20.04
C VAL A 20 11.92 -17.23 20.43
N CYS A 21 10.73 -16.69 20.16
CA CYS A 21 9.49 -17.34 20.58
C CYS A 21 9.05 -18.43 19.61
N ALA A 22 8.48 -19.50 20.16
CA ALA A 22 7.81 -20.54 19.38
C ALA A 22 8.78 -21.13 18.36
N ALA A 23 9.85 -21.72 18.89
CA ALA A 23 11.05 -21.90 18.08
C ALA A 23 11.68 -23.28 18.24
N SER A 24 10.94 -24.29 18.68
CA SER A 24 11.50 -25.63 18.62
C SER A 24 11.38 -26.23 17.22
N LYS A 25 10.51 -25.66 16.37
CA LYS A 25 10.27 -26.14 15.02
C LYS A 25 10.06 -24.96 14.09
N GLY A 26 10.15 -25.24 12.79
CA GLY A 26 9.61 -24.35 11.76
C GLY A 26 10.36 -23.03 11.63
N LEU A 27 9.59 -21.98 11.33
CA LEU A 27 10.18 -20.67 11.10
C LEU A 27 10.90 -20.14 12.33
N GLY A 28 10.32 -20.34 13.52
CA GLY A 28 10.98 -19.88 14.72
C GLY A 28 12.32 -20.58 14.93
N ARG A 29 12.34 -21.91 14.73
CA ARG A 29 13.62 -22.62 14.79
C ARG A 29 14.60 -22.06 13.76
N GLY A 30 14.12 -21.80 12.54
CA GLY A 30 15.00 -21.24 11.53
C GLY A 30 15.62 -19.92 11.96
N CYS A 31 14.85 -19.07 12.64
CA CYS A 31 15.39 -17.82 13.14
C CYS A 31 16.42 -18.07 14.24
N ALA A 32 16.11 -18.98 15.18
CA ALA A 32 17.05 -19.28 16.25
C ALA A 32 18.36 -19.82 15.71
N GLU A 33 18.29 -20.74 14.74
CA GLU A 33 19.52 -21.31 14.19
C GLU A 33 20.35 -20.25 13.47
N ALA A 34 19.69 -19.34 12.74
CA ALA A 34 20.43 -18.33 11.99
C ALA A 34 21.08 -17.33 12.92
N LEU A 35 20.39 -16.93 13.99
CA LEU A 35 20.99 -16.02 14.97
C LEU A 35 22.16 -16.70 15.69
N ALA A 36 21.95 -17.94 16.13
CA ALA A 36 23.04 -18.67 16.79
C ALA A 36 24.25 -18.80 15.87
N ALA A 37 24.03 -19.02 14.58
CA ALA A 37 25.13 -19.15 13.62
C ALA A 37 25.96 -17.87 13.54
N GLU A 38 25.39 -16.73 13.88
CA GLU A 38 26.12 -15.48 13.93
C GLU A 38 26.59 -15.15 15.34
N GLY A 39 26.58 -16.12 16.24
CA GLY A 39 27.14 -15.96 17.57
C GLY A 39 26.20 -15.40 18.61
N VAL A 40 24.91 -15.30 18.31
CA VAL A 40 23.93 -14.80 19.27
C VAL A 40 23.57 -15.88 20.27
N ASN A 41 23.57 -15.53 21.56
CA ASN A 41 23.04 -16.43 22.57
C ASN A 41 21.52 -16.44 22.49
N VAL A 42 20.91 -17.61 22.32
CA VAL A 42 19.48 -17.67 22.04
C VAL A 42 18.76 -18.38 23.17
N THR A 43 17.62 -17.81 23.56
CA THR A 43 16.65 -18.45 24.43
C THR A 43 15.47 -18.83 23.57
N ILE A 44 15.19 -20.13 23.43
CA ILE A 44 14.11 -20.61 22.58
C ILE A 44 12.96 -21.07 23.46
N VAL A 45 11.75 -20.79 23.02
CA VAL A 45 10.52 -21.03 23.77
C VAL A 45 9.61 -21.94 22.96
N ALA A 46 9.08 -22.98 23.60
CA ALA A 46 8.04 -23.80 23.00
C ALA A 46 7.29 -24.50 24.12
N ARG A 47 6.11 -25.04 23.79
CA ARG A 47 5.28 -25.65 24.82
C ARG A 47 5.74 -27.06 25.16
N THR A 48 6.15 -27.85 24.17
CA THR A 48 6.36 -29.28 24.41
C THR A 48 7.83 -29.56 24.69
N PRO A 49 8.18 -30.11 25.86
CA PRO A 49 9.60 -30.27 26.19
C PRO A 49 10.39 -31.16 25.25
N GLU A 50 9.80 -32.26 24.74
CA GLU A 50 10.57 -33.22 23.96
C GLU A 50 11.30 -32.54 22.80
N THR A 51 10.55 -31.87 21.93
CA THR A 51 11.16 -31.27 20.76
C THR A 51 11.96 -30.02 21.14
N LEU A 52 11.51 -29.30 22.16
CA LEU A 52 12.24 -28.13 22.63
C LEU A 52 13.66 -28.50 23.07
N ASP A 53 13.78 -29.53 23.90
CA ASP A 53 15.10 -29.92 24.41
C ASP A 53 15.99 -30.43 23.29
N ALA A 54 15.41 -31.13 22.32
CA ALA A 54 16.21 -31.67 21.23
C ALA A 54 16.74 -30.55 20.33
N THR A 55 15.87 -29.61 19.97
CA THR A 55 16.33 -28.47 19.18
C THR A 55 17.36 -27.65 19.93
N ALA A 56 17.18 -27.47 21.25
CA ALA A 56 18.17 -26.74 22.02
C ALA A 56 19.53 -27.45 21.96
N ALA A 57 19.54 -28.78 22.10
CA ALA A 57 20.79 -29.52 22.02
C ALA A 57 21.42 -29.39 20.64
N ALA A 58 20.61 -29.42 19.59
CA ALA A 58 21.14 -29.29 18.24
C ALA A 58 21.81 -27.94 18.03
N ILE A 59 21.17 -26.85 18.49
CA ILE A 59 21.75 -25.52 18.28
C ILE A 59 23.04 -25.37 19.08
N ARG A 60 23.07 -25.88 20.31
CA ARG A 60 24.29 -25.90 21.10
C ARG A 60 25.42 -26.57 20.33
N ALA A 61 25.14 -27.75 19.78
CA ALA A 61 26.18 -28.51 19.07
C ALA A 61 26.58 -27.80 17.78
N ASN A 62 25.62 -27.19 17.09
CA ASN A 62 25.91 -26.56 15.81
C ASN A 62 26.67 -25.25 15.97
N ALA A 63 26.28 -24.43 16.95
CA ALA A 63 26.69 -23.05 16.98
C ALA A 63 27.65 -22.68 18.11
N GLY A 64 27.71 -23.48 19.17
CA GLY A 64 28.63 -23.19 20.25
C GLY A 64 28.30 -21.95 21.04
N VAL A 65 27.05 -21.49 21.00
CA VAL A 65 26.61 -20.36 21.78
C VAL A 65 25.85 -20.87 22.99
N ASP A 66 25.51 -19.97 23.90
CA ASP A 66 24.63 -20.32 25.01
C ASP A 66 23.20 -20.48 24.52
N VAL A 67 22.58 -21.61 24.82
CA VAL A 67 21.19 -21.86 24.45
C VAL A 67 20.39 -22.15 25.70
N GLN A 68 19.35 -21.36 25.93
CA GLN A 68 18.39 -21.61 26.99
C GLN A 68 17.08 -22.08 26.38
N ALA A 69 16.45 -23.04 27.04
CA ALA A 69 15.17 -23.58 26.58
C ALA A 69 14.14 -23.29 27.67
N VAL A 70 13.03 -22.67 27.29
CA VAL A 70 11.93 -22.41 28.21
C VAL A 70 10.70 -23.12 27.69
N ALA A 71 10.16 -24.05 28.49
CA ALA A 71 8.94 -24.77 28.14
C ALA A 71 7.74 -23.99 28.66
N CYS A 72 7.04 -23.29 27.77
CA CYS A 72 5.88 -22.53 28.20
C CYS A 72 5.04 -22.16 26.99
N ASP A 73 3.79 -21.79 27.26
CA ASP A 73 2.89 -21.19 26.30
C ASP A 73 3.14 -19.68 26.32
N ILE A 74 3.75 -19.17 25.25
CA ILE A 74 4.15 -17.76 25.23
C ILE A 74 2.95 -16.83 25.15
N THR A 75 1.75 -17.36 24.89
CA THR A 75 0.57 -16.53 24.74
C THR A 75 -0.17 -16.33 26.05
N THR A 76 0.45 -16.68 27.18
CA THR A 76 -0.06 -16.40 28.51
C THR A 76 0.87 -15.43 29.24
N PRO A 77 0.34 -14.64 30.17
CA PRO A 77 1.24 -13.80 30.99
C PRO A 77 2.28 -14.62 31.74
N GLU A 78 1.87 -15.78 32.28
CA GLU A 78 2.82 -16.63 33.01
C GLU A 78 3.93 -17.14 32.10
N GLY A 79 3.59 -17.48 30.86
CA GLY A 79 4.62 -17.94 29.94
C GLY A 79 5.56 -16.82 29.54
N ARG A 80 5.03 -15.64 29.27
CA ARG A 80 5.89 -14.49 29.00
C ARG A 80 6.83 -14.24 30.17
N ALA A 81 6.30 -14.36 31.39
CA ALA A 81 7.15 -14.13 32.56
C ALA A 81 8.25 -15.17 32.66
N ALA A 82 7.94 -16.43 32.32
CA ALA A 82 8.96 -17.49 32.39
C ALA A 82 10.02 -17.29 31.33
N ALA A 83 9.62 -16.84 30.14
CA ALA A 83 10.58 -16.55 29.09
C ALA A 83 11.50 -15.41 29.51
N LEU A 84 10.92 -14.35 30.08
CA LEU A 84 11.74 -13.21 30.50
C LEU A 84 12.59 -13.53 31.71
N ALA A 85 12.16 -14.44 32.59
CA ALA A 85 13.03 -14.84 33.69
C ALA A 85 14.31 -15.46 33.18
N ALA A 86 14.22 -16.25 32.12
CA ALA A 86 15.40 -16.89 31.54
C ALA A 86 16.24 -15.89 30.75
N CYS A 87 15.57 -14.95 30.08
CA CYS A 87 16.22 -13.99 29.18
C CYS A 87 15.70 -12.60 29.51
N PRO A 88 16.20 -11.97 30.57
CA PRO A 88 15.55 -10.76 31.09
C PRO A 88 15.86 -9.50 30.33
N GLN A 89 16.97 -9.45 29.59
CA GLN A 89 17.40 -8.22 28.90
C GLN A 89 17.87 -8.56 27.49
N PRO A 90 16.96 -9.07 26.65
CA PRO A 90 17.36 -9.41 25.27
C PRO A 90 17.71 -8.16 24.46
N ASP A 91 18.74 -8.31 23.64
CA ASP A 91 19.00 -7.32 22.60
C ASP A 91 18.07 -7.49 21.42
N ILE A 92 17.60 -8.72 21.21
CA ILE A 92 16.88 -9.15 20.02
C ILE A 92 15.67 -9.93 20.48
N LEU A 93 14.50 -9.59 19.93
CA LEU A 93 13.26 -10.31 20.26
C LEU A 93 12.64 -10.75 18.95
N VAL A 94 12.41 -12.06 18.80
CA VAL A 94 11.70 -12.61 17.64
C VAL A 94 10.35 -13.07 18.15
N ASN A 95 9.31 -12.34 17.77
CA ASN A 95 7.94 -12.63 18.19
C ASN A 95 7.32 -13.66 17.25
N ASN A 96 6.59 -14.61 17.83
CA ASN A 96 6.06 -15.75 17.11
C ASN A 96 5.20 -16.55 18.07
N ALA A 97 4.20 -17.23 17.53
CA ALA A 97 3.31 -18.12 18.26
C ALA A 97 2.49 -18.87 17.22
N GLY A 98 1.87 -19.97 17.65
CA GLY A 98 1.02 -20.70 16.73
C GLY A 98 -0.12 -19.84 16.22
N GLY A 99 -0.48 -20.05 14.95
CA GLY A 99 -1.51 -19.27 14.31
C GLY A 99 -2.90 -19.83 14.54
N PRO A 100 -3.91 -19.08 14.11
CA PRO A 100 -5.30 -19.46 14.42
C PRO A 100 -5.79 -20.56 13.49
N PRO A 101 -6.89 -21.21 13.85
CA PRO A 101 -7.46 -22.25 13.02
C PRO A 101 -8.19 -21.65 11.83
N PRO A 102 -8.34 -22.40 10.75
CA PRO A 102 -9.14 -21.95 9.61
C PRO A 102 -10.63 -22.09 9.86
N GLY A 103 -11.39 -21.36 9.06
CA GLY A 103 -12.84 -21.50 9.08
C GLY A 103 -13.50 -20.42 8.27
N ASP A 104 -14.81 -20.61 8.08
CA ASP A 104 -15.64 -19.57 7.49
C ASP A 104 -15.99 -18.53 8.54
N PHE A 105 -16.01 -17.25 8.14
CA PHE A 105 -16.17 -16.17 9.10
C PHE A 105 -17.47 -16.28 9.88
N ARG A 106 -18.52 -16.87 9.29
CA ARG A 106 -19.77 -16.99 10.01
C ARG A 106 -19.71 -17.99 11.17
N ASN A 107 -18.67 -18.81 11.23
CA ASN A 107 -18.50 -19.78 12.30
C ASN A 107 -17.50 -19.35 13.35
N PHE A 108 -16.84 -18.19 13.18
CA PHE A 108 -15.94 -17.68 14.21
C PHE A 108 -16.74 -17.26 15.42
N THR A 109 -16.34 -17.74 16.59
CA THR A 109 -16.98 -17.30 17.82
C THR A 109 -16.23 -16.11 18.41
N HIS A 110 -16.89 -15.42 19.34
CA HIS A 110 -16.21 -14.36 20.07
C HIS A 110 -14.92 -14.89 20.70
N ASP A 111 -14.97 -16.09 21.26
CA ASP A 111 -13.78 -16.65 21.89
CA ASP A 111 -13.78 -16.67 21.90
C ASP A 111 -12.70 -16.98 20.86
N ASP A 112 -13.10 -17.42 19.66
CA ASP A 112 -12.11 -17.63 18.60
C ASP A 112 -11.35 -16.34 18.32
N TRP A 113 -12.07 -15.22 18.25
CA TRP A 113 -11.43 -13.92 18.00
C TRP A 113 -10.49 -13.56 19.13
N ILE A 114 -10.94 -13.68 20.38
CA ILE A 114 -10.08 -13.29 21.50
C ILE A 114 -8.81 -14.13 21.50
N ARG A 115 -8.94 -15.44 21.28
CA ARG A 115 -7.77 -16.32 21.27
CA ARG A 115 -7.76 -16.29 21.30
C ARG A 115 -6.79 -15.92 20.17
N ALA A 116 -7.30 -15.61 18.98
CA ALA A 116 -6.40 -15.24 17.89
C ALA A 116 -5.74 -13.91 18.19
N LEU A 117 -6.52 -12.96 18.71
CA LEU A 117 -5.95 -11.65 19.07
C LEU A 117 -4.90 -11.81 20.18
N GLU A 118 -5.17 -12.63 21.19
CA GLU A 118 -4.18 -12.83 22.25
C GLU A 118 -2.89 -13.43 21.68
N ALA A 119 -3.01 -14.50 20.88
CA ALA A 119 -1.83 -15.21 20.43
C ALA A 119 -1.00 -14.38 19.46
N ASN A 120 -1.63 -13.72 18.49
CA ASN A 120 -0.93 -13.20 17.34
C ASN A 120 -0.92 -11.68 17.27
N MET A 121 -1.48 -11.00 18.28
CA MET A 121 -1.39 -9.55 18.37
C MET A 121 -0.96 -9.12 19.77
N LEU A 122 -1.73 -9.50 20.80
CA LEU A 122 -1.42 -8.93 22.12
C LEU A 122 -0.16 -9.55 22.73
N THR A 123 0.12 -10.83 22.45
CA THR A 123 1.35 -11.44 22.96
C THR A 123 2.59 -10.75 22.44
N PRO A 124 2.76 -10.52 21.13
CA PRO A 124 3.94 -9.75 20.68
C PRO A 124 4.00 -8.36 21.28
N ILE A 125 2.86 -7.68 21.41
CA ILE A 125 2.83 -6.33 21.99
C ILE A 125 3.31 -6.35 23.43
N GLU A 126 2.85 -7.31 24.21
CA GLU A 126 3.26 -7.36 25.61
CA GLU A 126 3.26 -7.39 25.61
C GLU A 126 4.74 -7.71 25.75
N LEU A 127 5.28 -8.54 24.85
CA LEU A 127 6.71 -8.83 24.95
C LEU A 127 7.55 -7.63 24.55
N ILE A 128 7.08 -6.84 23.57
CA ILE A 128 7.75 -5.56 23.29
C ILE A 128 7.71 -4.67 24.51
N ARG A 129 6.53 -4.53 25.13
CA ARG A 129 6.43 -3.65 26.29
C ARG A 129 7.38 -4.09 27.39
N ALA A 130 7.57 -5.39 27.57
CA ALA A 130 8.41 -5.90 28.65
C ALA A 130 9.90 -5.81 28.35
N THR A 131 10.31 -5.61 27.09
CA THR A 131 11.71 -5.62 26.73
C THR A 131 12.22 -4.32 26.16
N ILE A 132 11.33 -3.37 25.84
CA ILE A 132 11.75 -2.19 25.09
C ILE A 132 12.58 -1.24 25.96
N ASP A 133 12.25 -1.14 27.26
CA ASP A 133 12.99 -0.22 28.14
C ASP A 133 14.47 -0.55 28.16
N GLY A 134 14.82 -1.84 28.28
CA GLY A 134 16.21 -2.22 28.31
C GLY A 134 16.92 -1.97 26.99
N MET A 135 16.24 -2.26 25.88
CA MET A 135 16.85 -1.98 24.58
C MET A 135 17.16 -0.49 24.44
N ILE A 136 16.20 0.36 24.80
CA ILE A 136 16.40 1.80 24.73
C ILE A 136 17.58 2.21 25.61
N SER A 137 17.67 1.65 26.81
CA SER A 137 18.72 2.02 27.74
C SER A 137 20.10 1.67 27.21
N ARG A 138 20.21 0.66 26.34
CA ARG A 138 21.48 0.26 25.77
C ARG A 138 21.73 0.88 24.41
N GLY A 139 20.75 1.62 23.86
CA GLY A 139 20.94 2.22 22.55
C GLY A 139 20.99 1.25 21.41
N PHE A 140 20.51 0.03 21.60
CA PHE A 140 20.48 -0.97 20.53
C PHE A 140 19.33 -1.93 20.81
N GLY A 141 18.54 -2.22 19.79
CA GLY A 141 17.51 -3.22 19.94
C GLY A 141 17.01 -3.65 18.59
N ARG A 142 16.55 -4.91 18.51
CA ARG A 142 15.97 -5.44 17.29
C ARG A 142 14.75 -6.27 17.67
N VAL A 143 13.60 -5.93 17.10
CA VAL A 143 12.40 -6.73 17.24
C VAL A 143 11.97 -7.16 15.84
N VAL A 144 11.75 -8.45 15.65
CA VAL A 144 11.24 -9.00 14.40
C VAL A 144 9.98 -9.77 14.72
N ASN A 145 8.85 -9.36 14.14
CA ASN A 145 7.58 -10.05 14.37
C ASN A 145 7.29 -10.95 13.17
N ILE A 146 7.15 -12.25 13.42
CA ILE A 146 6.73 -13.17 12.35
C ILE A 146 5.23 -13.04 12.21
N THR A 147 4.78 -12.59 11.04
CA THR A 147 3.34 -12.40 10.81
C THR A 147 2.91 -13.32 9.69
N SER A 148 2.48 -12.76 8.56
CA SER A 148 1.89 -13.57 7.49
C SER A 148 1.65 -12.70 6.28
N SER A 149 1.66 -13.34 5.10
CA SER A 149 1.16 -12.67 3.91
C SER A 149 -0.29 -12.22 4.06
N SER A 150 -1.03 -12.79 5.03
CA SER A 150 -2.43 -12.43 5.25
C SER A 150 -2.64 -10.94 5.52
N VAL A 151 -1.61 -10.22 5.96
CA VAL A 151 -1.77 -8.78 6.18
C VAL A 151 -1.68 -7.99 4.88
N LYS A 152 -1.14 -8.58 3.81
CA LYS A 152 -1.07 -7.93 2.49
C LYS A 152 -2.24 -8.32 1.61
N ALA A 153 -2.69 -9.57 1.70
CA ALA A 153 -3.85 -10.04 0.95
C ALA A 153 -4.53 -11.08 1.81
N PRO A 154 -5.82 -10.95 2.08
CA PRO A 154 -6.48 -11.88 2.99
C PRO A 154 -6.44 -13.30 2.44
N ILE A 155 -6.24 -14.25 3.35
CA ILE A 155 -6.27 -15.66 3.00
C ILE A 155 -7.67 -16.16 3.27
N ASP A 156 -8.27 -16.84 2.27
CA ASP A 156 -9.69 -17.19 2.27
C ASP A 156 -10.17 -17.74 3.61
N VAL A 157 -9.57 -18.83 4.07
CA VAL A 157 -10.10 -19.52 5.24
C VAL A 157 -9.42 -19.06 6.52
N LEU A 158 -8.56 -18.04 6.43
CA LEU A 158 -7.82 -17.62 7.63
C LEU A 158 -8.21 -16.23 8.09
N GLY A 159 -9.51 -15.96 8.14
CA GLY A 159 -9.99 -14.66 8.61
C GLY A 159 -9.45 -14.26 9.97
N LEU A 160 -9.25 -15.23 10.87
CA LEU A 160 -8.73 -14.89 12.20
C LEU A 160 -7.32 -14.34 12.12
N SER A 161 -6.52 -14.83 11.16
CA SER A 161 -5.19 -14.30 10.92
C SER A 161 -5.27 -12.96 10.19
N ASN A 162 -6.10 -12.90 9.14
CA ASN A 162 -6.32 -11.67 8.40
C ASN A 162 -6.58 -10.52 9.35
N GLY A 163 -7.40 -10.77 10.36
CA GLY A 163 -7.68 -9.76 11.36
C GLY A 163 -6.58 -9.57 12.39
N ALA A 164 -6.24 -10.62 13.15
CA ALA A 164 -5.35 -10.42 14.29
C ALA A 164 -3.98 -9.90 13.86
N ARG A 165 -3.42 -10.45 12.77
CA ARG A 165 -2.07 -10.06 12.43
C ARG A 165 -2.04 -8.69 11.80
N SER A 166 -3.12 -8.28 11.14
CA SER A 166 -3.22 -6.91 10.65
C SER A 166 -3.31 -5.93 11.81
N GLY A 167 -3.99 -6.33 12.88
CA GLY A 167 -4.03 -5.51 14.08
C GLY A 167 -2.65 -5.27 14.66
N LEU A 168 -1.87 -6.35 14.80
CA LEU A 168 -0.49 -6.18 15.25
C LEU A 168 0.25 -5.20 14.36
N THR A 169 0.14 -5.41 13.05
CA THR A 169 0.94 -4.64 12.10
C THR A 169 0.62 -3.15 12.18
N GLY A 170 -0.66 -2.81 12.32
CA GLY A 170 -1.03 -1.41 12.45
C GLY A 170 -0.48 -0.77 13.70
N PHE A 171 -0.44 -1.52 14.80
CA PHE A 171 0.16 -1.00 16.03
C PHE A 171 1.67 -0.87 15.90
N ILE A 172 2.32 -1.91 15.33
CA ILE A 172 3.79 -1.90 15.21
C ILE A 172 4.24 -0.66 14.45
N ALA A 173 3.46 -0.23 13.46
CA ALA A 173 3.86 0.94 12.66
C ALA A 173 4.14 2.13 13.55
N GLY A 174 3.30 2.33 14.58
CA GLY A 174 3.50 3.47 15.48
C GLY A 174 4.67 3.30 16.41
N VAL A 175 4.77 2.14 17.07
CA VAL A 175 5.83 1.97 18.07
CA VAL A 175 5.83 1.98 18.06
C VAL A 175 7.20 1.93 17.39
N ALA A 176 7.30 1.34 16.19
CA ALA A 176 8.58 1.36 15.48
C ALA A 176 9.10 2.78 15.33
N ARG A 177 8.23 3.70 14.92
CA ARG A 177 8.74 5.06 14.71
C ARG A 177 8.97 5.78 16.02
N LYS A 178 8.22 5.43 17.06
CA LYS A 178 8.37 6.06 18.37
C LYS A 178 9.73 5.76 19.00
N VAL A 179 10.20 4.51 18.88
CA VAL A 179 11.42 4.09 19.56
C VAL A 179 12.64 4.19 18.68
N ALA A 180 12.47 4.52 17.40
CA ALA A 180 13.61 4.59 16.49
C ALA A 180 14.72 5.56 16.93
N PRO A 181 14.45 6.65 17.66
CA PRO A 181 15.57 7.54 18.05
C PRO A 181 16.60 6.87 18.93
N ASN A 182 16.28 5.71 19.52
CA ASN A 182 17.10 5.07 20.53
C ASN A 182 17.86 3.86 19.98
N GLY A 183 18.03 3.76 18.67
CA GLY A 183 18.82 2.67 18.14
C GLY A 183 18.11 1.34 18.10
N VAL A 184 16.79 1.35 18.24
CA VAL A 184 15.97 0.15 18.21
C VAL A 184 15.21 0.15 16.89
N THR A 185 15.16 -1.01 16.24
CA THR A 185 14.31 -1.17 15.07
C THR A 185 13.28 -2.26 15.35
N ILE A 186 12.12 -2.12 14.73
CA ILE A 186 11.03 -3.07 14.89
C ILE A 186 10.46 -3.30 13.49
N ASN A 187 10.56 -4.54 13.00
CA ASN A 187 10.15 -4.86 11.65
C ASN A 187 9.35 -6.16 11.68
N ASN A 188 8.59 -6.38 10.61
CA ASN A 188 7.77 -7.58 10.49
C ASN A 188 8.26 -8.41 9.31
N LEU A 189 8.32 -9.73 9.52
CA LEU A 189 8.65 -10.68 8.47
C LEU A 189 7.39 -11.44 8.12
N LEU A 190 6.96 -11.35 6.87
CA LEU A 190 5.68 -11.88 6.41
C LEU A 190 5.93 -13.11 5.54
N PRO A 191 5.74 -14.32 6.07
CA PRO A 191 5.93 -15.50 5.22
C PRO A 191 4.78 -15.70 4.27
N GLY A 192 5.11 -16.06 3.02
CA GLY A 192 4.20 -16.77 2.15
C GLY A 192 4.15 -18.22 2.59
N ILE A 193 4.07 -19.19 1.69
CA ILE A 193 3.98 -20.57 2.14
C ILE A 193 5.38 -21.14 2.33
N PHE A 194 5.63 -21.67 3.53
CA PHE A 194 6.92 -22.25 3.90
C PHE A 194 6.75 -23.70 4.29
N ASP A 195 7.76 -24.50 3.93
CA ASP A 195 7.75 -25.96 4.05
C ASP A 195 7.99 -26.36 5.50
N THR A 196 6.95 -26.24 6.32
CA THR A 196 6.99 -26.64 7.74
C THR A 196 5.89 -27.64 8.04
N ASP A 197 5.87 -28.11 9.29
CA ASP A 197 4.81 -29.01 9.71
C ASP A 197 3.44 -28.37 9.65
N ARG A 198 3.36 -27.03 9.71
CA ARG A 198 2.06 -26.36 9.69
CA ARG A 198 2.07 -26.37 9.70
C ARG A 198 1.32 -26.62 8.39
N ILE A 199 2.03 -26.60 7.26
CA ILE A 199 1.35 -26.74 5.98
C ILE A 199 1.08 -28.20 5.63
N ALA A 200 1.76 -29.14 6.29
CA ALA A 200 1.46 -30.55 6.03
C ALA A 200 0.04 -30.88 6.45
N VAL A 201 -0.42 -30.32 7.56
CA VAL A 201 -1.80 -30.55 8.00
C VAL A 201 -2.77 -29.94 7.00
N THR A 202 -2.42 -28.80 6.43
CA THR A 202 -3.28 -28.13 5.46
C THR A 202 -3.41 -28.95 4.19
N PHE A 203 -2.28 -29.41 3.65
CA PHE A 203 -2.34 -30.23 2.45
C PHE A 203 -2.90 -31.62 2.74
N ASP A 204 -2.76 -32.11 3.98
CA ASP A 204 -3.37 -33.40 4.32
CA ASP A 204 -3.36 -33.41 4.31
C ASP A 204 -4.88 -33.34 4.21
N ALA A 205 -5.47 -32.21 4.58
CA ALA A 205 -6.91 -32.05 4.45
C ALA A 205 -7.30 -31.66 3.02
N ALA A 206 -6.49 -30.82 2.37
CA ALA A 206 -6.79 -30.40 1.00
C ALA A 206 -6.82 -31.59 0.05
N ALA A 207 -5.93 -32.56 0.27
CA ALA A 207 -5.89 -33.75 -0.58
C ALA A 207 -7.03 -34.70 -0.26
N LYS A 208 -7.30 -34.90 1.04
CA LYS A 208 -8.34 -35.84 1.45
C LYS A 208 -9.69 -35.47 0.88
N ALA A 209 -9.94 -34.18 0.64
CA ALA A 209 -11.21 -33.73 0.10
C ALA A 209 -11.22 -33.62 -1.42
N GLN A 210 -10.05 -33.50 -2.05
CA GLN A 210 -9.96 -33.30 -3.50
C GLN A 210 -9.75 -34.58 -4.29
N ASN A 211 -9.65 -35.72 -3.62
CA ASN A 211 -9.35 -37.01 -4.25
C ASN A 211 -8.05 -36.97 -5.05
N ILE A 212 -7.04 -36.31 -4.48
CA ILE A 212 -5.67 -36.35 -4.97
C ILE A 212 -4.77 -36.58 -3.76
N SER A 213 -3.50 -36.88 -4.02
CA SER A 213 -2.56 -37.05 -2.93
C SER A 213 -2.14 -35.69 -2.36
N VAL A 214 -1.57 -35.73 -1.16
CA VAL A 214 -1.02 -34.51 -0.58
C VAL A 214 0.12 -34.00 -1.45
N ASP A 215 0.92 -34.91 -2.00
CA ASP A 215 2.01 -34.53 -2.89
C ASP A 215 1.48 -33.83 -4.13
N GLU A 216 0.39 -34.34 -4.69
CA GLU A 216 -0.21 -33.70 -5.85
C GLU A 216 -0.76 -32.31 -5.48
N ALA A 217 -1.45 -32.21 -4.34
CA ALA A 217 -1.96 -30.93 -3.90
C ALA A 217 -0.83 -29.94 -3.69
N ARG A 218 0.29 -30.41 -3.11
CA ARG A 218 1.45 -29.54 -2.92
C ARG A 218 2.03 -29.10 -4.26
N LYS A 219 2.18 -30.05 -5.18
CA LYS A 219 2.71 -29.74 -6.51
C LYS A 219 1.85 -28.70 -7.22
N GLN A 220 0.53 -28.86 -7.16
CA GLN A 220 -0.37 -27.92 -7.83
C GLN A 220 -0.26 -26.53 -7.22
N ARG A 221 -0.11 -26.45 -5.89
CA ARG A 221 0.06 -25.15 -5.25
C ARG A 221 1.38 -24.51 -5.63
N MET A 222 2.47 -25.28 -5.64
CA MET A 222 3.77 -24.76 -6.09
C MET A 222 3.68 -24.14 -7.47
N ALA A 223 2.94 -24.79 -8.36
CA ALA A 223 2.89 -24.35 -9.76
C ALA A 223 2.28 -22.96 -9.90
N THR A 224 1.57 -22.48 -8.88
CA THR A 224 0.95 -21.16 -8.91
C THR A 224 1.85 -20.09 -8.31
N ILE A 225 2.94 -20.46 -7.66
CA ILE A 225 3.86 -19.52 -7.03
C ILE A 225 4.88 -19.10 -8.07
N PRO A 226 5.12 -17.81 -8.31
CA PRO A 226 6.08 -17.43 -9.35
C PRO A 226 7.45 -18.07 -9.15
N ALA A 227 7.95 -18.16 -7.92
CA ALA A 227 9.22 -18.84 -7.70
C ALA A 227 9.14 -20.36 -7.89
N ARG A 228 7.93 -20.92 -7.94
CA ARG A 228 7.67 -22.34 -8.25
C ARG A 228 8.17 -23.28 -7.16
N ARG A 229 8.30 -22.79 -5.94
CA ARG A 229 8.68 -23.62 -4.80
C ARG A 229 8.07 -23.01 -3.55
N PHE A 230 8.15 -23.77 -2.45
CA PHE A 230 7.85 -23.23 -1.13
C PHE A 230 9.11 -22.63 -0.50
N GLY A 231 8.90 -21.77 0.49
CA GLY A 231 10.03 -21.21 1.22
C GLY A 231 10.63 -22.21 2.20
N THR A 232 11.91 -21.99 2.55
CA THR A 232 12.58 -22.84 3.54
C THR A 232 12.73 -22.12 4.86
N PRO A 233 12.61 -22.80 6.00
CA PRO A 233 12.88 -22.12 7.27
C PRO A 233 14.28 -21.54 7.34
N ASP A 234 15.26 -22.17 6.69
CA ASP A 234 16.62 -21.63 6.70
C ASP A 234 16.69 -20.24 6.10
N GLU A 235 16.15 -20.05 4.88
CA GLU A 235 16.24 -18.74 4.26
C GLU A 235 15.42 -17.70 5.01
N PHE A 236 14.29 -18.12 5.63
CA PHE A 236 13.52 -17.20 6.46
C PHE A 236 14.37 -16.72 7.64
N GLY A 237 15.06 -17.65 8.31
CA GLY A 237 15.92 -17.27 9.42
C GLY A 237 17.05 -16.35 8.99
N ARG A 238 17.61 -16.56 7.80
CA ARG A 238 18.68 -15.68 7.34
CA ARG A 238 18.68 -15.69 7.32
C ARG A 238 18.19 -14.26 7.16
N ALA A 239 16.98 -14.09 6.62
CA ALA A 239 16.42 -12.74 6.52
C ALA A 239 16.21 -12.12 7.90
N CYS A 240 15.73 -12.92 8.85
CA CYS A 240 15.60 -12.44 10.22
C CYS A 240 16.96 -12.00 10.76
N ALA A 241 18.00 -12.79 10.55
CA ALA A 241 19.32 -12.44 11.06
C ALA A 241 19.81 -11.14 10.44
N PHE A 242 19.55 -10.93 9.14
CA PHE A 242 19.97 -9.67 8.55
C PHE A 242 19.28 -8.49 9.21
N LEU A 243 17.96 -8.59 9.44
CA LEU A 243 17.24 -7.51 10.13
C LEU A 243 17.81 -7.27 11.52
N CYS A 244 18.30 -8.32 12.16
CA CYS A 244 18.80 -8.19 13.51
C CYS A 244 20.24 -7.68 13.56
N SER A 245 20.87 -7.46 12.40
CA SER A 245 22.29 -7.16 12.33
C SER A 245 22.56 -5.67 12.50
N VAL A 246 23.85 -5.36 12.64
CA VAL A 246 24.28 -3.97 12.68
C VAL A 246 24.22 -3.29 11.31
N HIS A 247 23.86 -4.04 10.27
CA HIS A 247 23.74 -3.48 8.93
C HIS A 247 22.30 -3.14 8.56
N ALA A 248 21.35 -3.34 9.48
CA ALA A 248 19.95 -3.05 9.23
C ALA A 248 19.42 -1.97 10.16
N GLY A 249 20.30 -1.15 10.71
CA GLY A 249 19.84 -0.15 11.68
C GLY A 249 19.06 1.00 11.08
N TYR A 250 18.99 1.11 9.75
CA TYR A 250 18.20 2.15 9.09
C TYR A 250 16.93 1.59 8.49
N ILE A 251 16.57 0.36 8.85
CA ILE A 251 15.33 -0.30 8.42
C ILE A 251 14.46 -0.43 9.66
N THR A 252 13.35 0.32 9.69
CA THR A 252 12.40 0.12 10.79
C THR A 252 10.98 0.41 10.31
N GLY A 253 10.03 -0.24 10.97
CA GLY A 253 8.65 -0.11 10.55
C GLY A 253 8.33 -0.77 9.22
N GLN A 254 9.17 -1.70 8.77
CA GLN A 254 9.01 -2.28 7.44
C GLN A 254 8.38 -3.67 7.52
N ASN A 255 7.60 -3.98 6.49
CA ASN A 255 6.95 -5.28 6.34
C ASN A 255 7.65 -5.98 5.19
N TRP A 256 8.50 -6.95 5.52
CA TRP A 256 9.27 -7.69 4.51
C TRP A 256 8.50 -8.95 4.14
N LEU A 257 7.95 -8.97 2.93
CA LEU A 257 7.21 -10.11 2.44
C LEU A 257 8.18 -11.08 1.76
N ILE A 258 8.19 -12.32 2.22
CA ILE A 258 9.09 -13.34 1.69
C ILE A 258 8.19 -14.46 1.18
N ASP A 259 7.83 -14.39 -0.12
CA ASP A 259 6.76 -15.23 -0.62
C ASP A 259 6.96 -15.70 -2.05
N GLY A 260 8.15 -15.59 -2.63
CA GLY A 260 8.34 -16.06 -3.99
C GLY A 260 7.52 -15.32 -5.02
N GLY A 261 7.09 -14.10 -4.71
CA GLY A 261 6.31 -13.28 -5.63
C GLY A 261 4.84 -13.60 -5.68
N ALA A 262 4.33 -14.44 -4.79
CA ALA A 262 2.96 -14.93 -4.89
C ALA A 262 1.94 -13.80 -4.73
N TYR A 263 2.19 -12.86 -3.80
CA TYR A 263 1.33 -11.69 -3.68
C TYR A 263 1.47 -10.84 -4.94
N PRO A 264 0.38 -10.50 -5.61
CA PRO A 264 0.48 -9.82 -6.91
C PRO A 264 0.59 -8.31 -6.85
N GLY A 265 0.49 -7.69 -5.69
CA GLY A 265 0.47 -6.24 -5.62
C GLY A 265 1.84 -5.62 -5.85
N THR A 266 1.83 -4.49 -6.56
CA THR A 266 3.06 -3.77 -6.85
C THR A 266 3.79 -3.40 -5.57
N TYR A 267 3.05 -2.99 -4.54
CA TYR A 267 3.61 -2.65 -3.24
C TYR A 267 2.97 -3.56 -2.20
N HIS B 7 30.41 -14.31 14.05
CA HIS B 7 30.75 -15.12 12.88
C HIS B 7 30.57 -14.32 11.59
N HIS B 8 30.01 -14.97 10.57
CA HIS B 8 29.84 -14.32 9.29
C HIS B 8 28.95 -15.20 8.39
N MET B 9 28.07 -14.56 7.63
CA MET B 9 27.08 -15.24 6.81
C MET B 9 27.60 -15.37 5.38
N ASP B 10 27.64 -16.60 4.87
CA ASP B 10 28.13 -16.87 3.53
C ASP B 10 27.00 -16.63 2.54
N LEU B 11 27.12 -15.60 1.72
CA LEU B 11 26.06 -15.27 0.77
C LEU B 11 26.08 -16.14 -0.47
N GLY B 12 27.10 -16.98 -0.65
CA GLY B 12 27.10 -17.97 -1.70
C GLY B 12 27.27 -17.45 -3.11
N ILE B 13 27.83 -16.25 -3.27
CA ILE B 13 27.92 -15.61 -4.59
C ILE B 13 29.36 -15.30 -4.99
N ALA B 14 30.33 -15.90 -4.30
CA ALA B 14 31.72 -15.73 -4.68
C ALA B 14 31.95 -16.29 -6.07
N GLY B 15 32.65 -15.53 -6.90
CA GLY B 15 32.91 -15.94 -8.26
C GLY B 15 31.84 -15.56 -9.27
N LYS B 16 30.68 -15.09 -8.82
CA LYS B 16 29.68 -14.58 -9.74
C LYS B 16 30.10 -13.20 -10.25
N SER B 17 29.41 -12.74 -11.29
CA SER B 17 29.71 -11.46 -11.92
CA SER B 17 29.70 -11.47 -11.94
C SER B 17 28.56 -10.48 -11.72
N ALA B 18 28.91 -9.22 -11.48
CA ALA B 18 27.92 -8.17 -11.28
C ALA B 18 28.27 -6.98 -12.16
N LEU B 19 27.24 -6.40 -12.77
CA LEU B 19 27.33 -5.11 -13.44
C LEU B 19 26.67 -4.10 -12.54
N VAL B 20 27.44 -3.14 -12.03
CA VAL B 20 26.97 -2.18 -11.03
C VAL B 20 27.04 -0.79 -11.66
N CYS B 21 25.87 -0.21 -11.90
CA CYS B 21 25.78 1.05 -12.61
C CYS B 21 25.97 2.23 -11.67
N ALA B 22 26.59 3.29 -12.20
CA ALA B 22 26.68 4.59 -11.54
C ALA B 22 27.30 4.42 -10.15
N ALA B 23 28.54 3.93 -10.16
CA ALA B 23 29.07 3.32 -8.94
C ALA B 23 30.49 3.74 -8.61
N SER B 24 30.97 4.89 -9.12
CA SER B 24 32.25 5.38 -8.62
C SER B 24 32.12 6.03 -7.25
N LYS B 25 30.89 6.41 -6.86
CA LYS B 25 30.64 7.13 -5.62
C LYS B 25 29.30 6.68 -5.06
N GLY B 26 29.05 7.07 -3.80
CA GLY B 26 27.69 7.06 -3.25
C GLY B 26 27.12 5.66 -3.06
N LEU B 27 25.81 5.56 -3.32
CA LEU B 27 25.10 4.30 -3.09
C LEU B 27 25.58 3.22 -4.05
N GLY B 28 25.85 3.58 -5.30
CA GLY B 28 26.34 2.60 -6.26
C GLY B 28 27.67 2.02 -5.84
N ARG B 29 28.59 2.88 -5.41
CA ARG B 29 29.86 2.38 -4.88
C ARG B 29 29.64 1.48 -3.67
N GLY B 30 28.71 1.85 -2.78
CA GLY B 30 28.42 1.00 -1.63
C GLY B 30 27.99 -0.40 -2.04
N CYS B 31 27.17 -0.50 -3.08
CA CYS B 31 26.74 -1.80 -3.58
C CYS B 31 27.90 -2.57 -4.19
N ALA B 32 28.73 -1.89 -4.99
CA ALA B 32 29.86 -2.57 -5.59
C ALA B 32 30.82 -3.10 -4.52
N GLU B 33 31.07 -2.30 -3.48
CA GLU B 33 31.99 -2.75 -2.45
C GLU B 33 31.42 -3.91 -1.65
N ALA B 34 30.11 -3.86 -1.34
CA ALA B 34 29.52 -4.94 -0.56
C ALA B 34 29.50 -6.24 -1.36
N LEU B 35 29.22 -6.16 -2.66
CA LEU B 35 29.26 -7.36 -3.50
C LEU B 35 30.68 -7.90 -3.61
N ALA B 36 31.65 -7.02 -3.82
CA ALA B 36 33.04 -7.43 -3.93
C ALA B 36 33.52 -8.07 -2.63
N ALA B 37 33.05 -7.56 -1.48
CA ALA B 37 33.42 -8.14 -0.20
C ALA B 37 32.94 -9.58 -0.07
N GLU B 38 31.91 -9.97 -0.82
CA GLU B 38 31.43 -11.34 -0.83
C GLU B 38 32.00 -12.14 -1.99
N GLY B 39 33.05 -11.64 -2.64
CA GLY B 39 33.73 -12.38 -3.69
C GLY B 39 33.17 -12.21 -5.08
N VAL B 40 32.27 -11.27 -5.29
CA VAL B 40 31.68 -11.05 -6.61
C VAL B 40 32.65 -10.23 -7.45
N ASN B 41 32.86 -10.66 -8.70
CA ASN B 41 33.62 -9.87 -9.66
C ASN B 41 32.73 -8.76 -10.20
N VAL B 42 33.15 -7.50 -10.04
CA VAL B 42 32.28 -6.36 -10.29
C VAL B 42 32.79 -5.55 -11.48
N THR B 43 31.87 -5.17 -12.36
CA THR B 43 32.12 -4.18 -13.39
C THR B 43 31.36 -2.93 -12.96
N ILE B 44 32.09 -1.84 -12.74
CA ILE B 44 31.51 -0.60 -12.24
C ILE B 44 31.53 0.44 -13.35
N VAL B 45 30.48 1.25 -13.40
CA VAL B 45 30.25 2.20 -14.49
C VAL B 45 30.05 3.58 -13.91
N ALA B 46 30.73 4.58 -14.47
CA ALA B 46 30.48 5.98 -14.17
C ALA B 46 31.02 6.81 -15.34
N ARG B 47 30.67 8.09 -15.37
CA ARG B 47 31.11 8.93 -16.49
C ARG B 47 32.55 9.41 -16.33
N THR B 48 32.95 9.76 -15.10
CA THR B 48 34.22 10.45 -14.90
C THR B 48 35.33 9.43 -14.67
N PRO B 49 36.33 9.33 -15.56
CA PRO B 49 37.30 8.23 -15.45
C PRO B 49 38.16 8.30 -14.20
N GLU B 50 38.61 9.49 -13.79
CA GLU B 50 39.55 9.59 -12.67
C GLU B 50 38.97 8.95 -11.41
N THR B 51 37.77 9.37 -11.02
CA THR B 51 37.14 8.83 -9.83
CA THR B 51 37.16 8.82 -9.82
C THR B 51 36.81 7.34 -10.00
N LEU B 52 36.32 6.97 -11.19
CA LEU B 52 35.98 5.58 -11.45
C LEU B 52 37.20 4.68 -11.30
N ASP B 53 38.33 5.09 -11.89
CA ASP B 53 39.55 4.28 -11.77
C ASP B 53 40.01 4.20 -10.32
N ALA B 54 39.88 5.29 -9.56
CA ALA B 54 40.31 5.27 -8.16
C ALA B 54 39.45 4.32 -7.35
N THR B 55 38.14 4.35 -7.57
CA THR B 55 37.25 3.41 -6.87
C THR B 55 37.54 1.98 -7.30
N ALA B 56 37.76 1.75 -8.59
CA ALA B 56 38.07 0.41 -9.06
C ALA B 56 39.34 -0.12 -8.41
N ALA B 57 40.37 0.72 -8.30
CA ALA B 57 41.63 0.27 -7.71
C ALA B 57 41.48 -0.01 -6.21
N ALA B 58 40.67 0.80 -5.52
CA ALA B 58 40.46 0.55 -4.10
C ALA B 58 39.74 -0.75 -3.86
N ILE B 59 38.73 -1.06 -4.68
CA ILE B 59 38.00 -2.32 -4.53
C ILE B 59 38.92 -3.50 -4.81
N ARG B 60 39.72 -3.41 -5.88
CA ARG B 60 40.72 -4.44 -6.18
C ARG B 60 41.62 -4.69 -4.98
N ALA B 61 42.10 -3.62 -4.36
CA ALA B 61 43.07 -3.76 -3.29
C ALA B 61 42.45 -4.36 -2.03
N ASN B 62 41.21 -3.97 -1.73
CA ASN B 62 40.55 -4.40 -0.50
C ASN B 62 39.83 -5.73 -0.64
N ALA B 63 39.25 -6.03 -1.80
CA ALA B 63 38.45 -7.23 -1.95
C ALA B 63 39.17 -8.34 -2.71
N GLY B 64 40.17 -8.02 -3.51
CA GLY B 64 40.89 -9.05 -4.23
C GLY B 64 40.08 -9.76 -5.30
N VAL B 65 39.03 -9.13 -5.79
CA VAL B 65 38.24 -9.68 -6.87
C VAL B 65 38.64 -8.98 -8.16
N ASP B 66 38.18 -9.52 -9.29
CA ASP B 66 38.36 -8.86 -10.57
C ASP B 66 37.41 -7.67 -10.67
N VAL B 67 37.97 -6.49 -10.96
CA VAL B 67 37.20 -5.26 -11.11
C VAL B 67 37.43 -4.72 -12.51
N GLN B 68 36.36 -4.48 -13.24
CA GLN B 68 36.41 -3.77 -14.52
C GLN B 68 35.75 -2.42 -14.35
N ALA B 69 36.35 -1.40 -14.94
CA ALA B 69 35.78 -0.05 -14.95
C ALA B 69 35.41 0.32 -16.38
N VAL B 70 34.19 0.79 -16.57
CA VAL B 70 33.72 1.26 -17.87
C VAL B 70 33.26 2.70 -17.70
N ALA B 71 33.98 3.63 -18.33
CA ALA B 71 33.64 5.04 -18.28
C ALA B 71 32.65 5.34 -19.40
N CYS B 72 31.39 5.59 -19.04
CA CYS B 72 30.36 5.87 -20.02
C CYS B 72 29.16 6.49 -19.34
N ASP B 73 28.26 7.04 -20.14
CA ASP B 73 27.00 7.58 -19.68
C ASP B 73 25.97 6.46 -19.82
N ILE B 74 25.57 5.86 -18.68
CA ILE B 74 24.70 4.69 -18.71
C ILE B 74 23.30 5.01 -19.17
N THR B 75 22.90 6.29 -19.20
CA THR B 75 21.57 6.68 -19.63
C THR B 75 21.46 6.87 -21.13
N THR B 76 22.51 6.53 -21.89
CA THR B 76 22.45 6.55 -23.34
C THR B 76 22.56 5.14 -23.89
N PRO B 77 21.97 4.87 -25.07
CA PRO B 77 22.15 3.55 -25.69
C PRO B 77 23.61 3.21 -25.95
N GLU B 78 24.44 4.20 -26.31
CA GLU B 78 25.84 3.90 -26.55
CA GLU B 78 25.85 3.94 -26.54
C GLU B 78 26.55 3.53 -25.26
N GLY B 79 26.21 4.18 -24.14
CA GLY B 79 26.81 3.81 -22.86
C GLY B 79 26.41 2.42 -22.44
N ARG B 80 25.13 2.07 -22.62
CA ARG B 80 24.69 0.71 -22.30
C ARG B 80 25.42 -0.31 -23.16
N ALA B 81 25.61 0.00 -24.46
CA ALA B 81 26.33 -0.94 -25.32
C ALA B 81 27.76 -1.14 -24.84
N ALA B 82 28.42 -0.06 -24.36
CA ALA B 82 29.78 -0.18 -23.86
C ALA B 82 29.84 -1.00 -22.58
N ALA B 83 28.91 -0.73 -21.65
CA ALA B 83 28.90 -1.47 -20.39
C ALA B 83 28.65 -2.95 -20.64
N LEU B 84 27.70 -3.28 -21.51
CA LEU B 84 27.38 -4.67 -21.78
C LEU B 84 28.47 -5.35 -22.59
N ALA B 85 29.18 -4.62 -23.45
CA ALA B 85 30.31 -5.25 -24.12
C ALA B 85 31.35 -5.72 -23.10
N ALA B 86 31.53 -4.95 -22.04
CA ALA B 86 32.53 -5.30 -21.04
C ALA B 86 32.03 -6.39 -20.10
N CYS B 87 30.73 -6.45 -19.86
CA CYS B 87 30.13 -7.42 -18.94
C CYS B 87 28.86 -7.93 -19.59
N PRO B 88 28.97 -8.85 -20.56
CA PRO B 88 27.80 -9.22 -21.36
C PRO B 88 26.86 -10.19 -20.68
N GLN B 89 27.29 -10.92 -19.65
CA GLN B 89 26.47 -11.96 -19.04
C GLN B 89 26.56 -11.88 -17.51
N PRO B 90 26.17 -10.76 -16.93
CA PRO B 90 26.23 -10.64 -15.47
C PRO B 90 25.24 -11.60 -14.81
N ASP B 91 25.65 -12.16 -13.67
CA ASP B 91 24.69 -12.84 -12.80
C ASP B 91 23.85 -11.85 -12.03
N ILE B 92 24.41 -10.66 -11.77
CA ILE B 92 23.85 -9.66 -10.88
C ILE B 92 23.88 -8.33 -11.61
N LEU B 93 22.75 -7.63 -11.62
CA LEU B 93 22.65 -6.28 -12.19
C LEU B 93 22.14 -5.33 -11.12
N VAL B 94 22.92 -4.30 -10.83
CA VAL B 94 22.50 -3.22 -9.94
C VAL B 94 22.23 -2.01 -10.83
N ASN B 95 20.96 -1.68 -10.98
CA ASN B 95 20.55 -0.53 -11.79
C ASN B 95 20.62 0.75 -10.98
N ASN B 96 21.13 1.80 -11.59
CA ASN B 96 21.36 3.07 -10.91
C ASN B 96 21.74 4.10 -11.98
N ALA B 97 21.50 5.36 -11.66
CA ALA B 97 21.86 6.48 -12.53
C ALA B 97 21.71 7.74 -11.70
N GLY B 98 22.25 8.84 -12.23
CA GLY B 98 22.01 10.13 -11.60
C GLY B 98 20.53 10.47 -11.57
N GLY B 99 20.14 11.21 -10.54
CA GLY B 99 18.76 11.58 -10.38
C GLY B 99 18.40 12.85 -11.11
N PRO B 100 17.11 13.08 -11.27
CA PRO B 100 16.63 14.24 -12.04
C PRO B 100 16.71 15.51 -11.22
N PRO B 101 16.69 16.66 -11.89
CA PRO B 101 16.84 17.94 -11.18
C PRO B 101 15.54 18.33 -10.48
N PRO B 102 15.65 19.14 -9.43
CA PRO B 102 14.45 19.61 -8.73
C PRO B 102 13.77 20.75 -9.47
N GLY B 103 12.51 20.97 -9.12
CA GLY B 103 11.78 22.10 -9.65
C GLY B 103 10.29 21.97 -9.42
N ASP B 104 9.59 23.06 -9.71
CA ASP B 104 8.14 23.06 -9.70
C ASP B 104 7.62 22.48 -11.01
N PHE B 105 6.56 21.68 -10.92
CA PHE B 105 6.11 20.96 -12.10
C PHE B 105 5.69 21.89 -13.24
N ARG B 106 5.26 23.11 -12.91
CA ARG B 106 4.88 24.05 -13.96
C ARG B 106 6.06 24.51 -14.80
N ASN B 107 7.29 24.31 -14.32
CA ASN B 107 8.49 24.62 -15.07
C ASN B 107 9.15 23.42 -15.71
N PHE B 108 8.55 22.22 -15.59
CA PHE B 108 9.07 21.06 -16.33
C PHE B 108 8.69 21.20 -17.80
N THR B 109 9.67 21.16 -18.68
CA THR B 109 9.35 21.09 -20.10
C THR B 109 9.02 19.65 -20.47
N HIS B 110 8.41 19.48 -21.64
CA HIS B 110 8.18 18.13 -22.14
C HIS B 110 9.48 17.36 -22.23
N ASP B 111 10.57 18.03 -22.65
CA ASP B 111 11.84 17.33 -22.78
CA ASP B 111 11.85 17.35 -22.78
C ASP B 111 12.47 17.02 -21.43
N ASP B 112 12.19 17.85 -20.40
CA ASP B 112 12.64 17.49 -19.06
C ASP B 112 12.06 16.15 -18.64
N TRP B 113 10.78 15.92 -18.95
CA TRP B 113 10.15 14.64 -18.65
C TRP B 113 10.81 13.51 -19.43
N ILE B 114 11.01 13.71 -20.72
CA ILE B 114 11.65 12.65 -21.52
C ILE B 114 13.02 12.30 -20.95
N ARG B 115 13.80 13.32 -20.59
CA ARG B 115 15.13 13.08 -20.04
C ARG B 115 15.07 12.28 -18.74
N ALA B 116 14.15 12.65 -17.84
CA ALA B 116 14.03 11.92 -16.58
C ALA B 116 13.54 10.50 -16.80
N LEU B 117 12.58 10.33 -17.71
CA LEU B 117 12.10 8.99 -18.02
C LEU B 117 13.20 8.14 -18.65
N GLU B 118 14.01 8.72 -19.54
CA GLU B 118 15.10 7.95 -20.12
C GLU B 118 16.11 7.53 -19.05
N ALA B 119 16.47 8.45 -18.16
CA ALA B 119 17.54 8.18 -17.22
C ALA B 119 17.11 7.20 -16.13
N ASN B 120 15.92 7.40 -15.56
CA ASN B 120 15.55 6.72 -14.33
C ASN B 120 14.46 5.68 -14.53
N MET B 121 13.99 5.48 -15.75
CA MET B 121 13.01 4.43 -16.02
C MET B 121 13.45 3.58 -17.20
N LEU B 122 13.65 4.18 -18.37
CA LEU B 122 13.92 3.36 -19.54
C LEU B 122 15.33 2.77 -19.50
N THR B 123 16.29 3.50 -18.95
CA THR B 123 17.65 2.95 -18.84
C THR B 123 17.67 1.65 -18.03
N PRO B 124 17.15 1.57 -16.81
CA PRO B 124 17.16 0.27 -16.10
C PRO B 124 16.33 -0.79 -16.81
N ILE B 125 15.22 -0.41 -17.45
CA ILE B 125 14.42 -1.40 -18.19
C ILE B 125 15.23 -2.01 -19.32
N GLU B 126 15.95 -1.18 -20.09
CA GLU B 126 16.73 -1.72 -21.20
C GLU B 126 17.89 -2.59 -20.73
N LEU B 127 18.50 -2.27 -19.59
CA LEU B 127 19.56 -3.11 -19.07
C LEU B 127 19.02 -4.47 -18.61
N ILE B 128 17.82 -4.49 -18.03
CA ILE B 128 17.18 -5.77 -17.73
C ILE B 128 16.90 -6.55 -19.01
N ARG B 129 16.34 -5.89 -20.02
CA ARG B 129 16.02 -6.62 -21.26
C ARG B 129 17.27 -7.22 -21.88
N ALA B 130 18.40 -6.53 -21.78
CA ALA B 130 19.64 -7.00 -22.40
C ALA B 130 20.34 -8.09 -21.61
N THR B 131 19.97 -8.29 -20.34
CA THR B 131 20.65 -9.26 -19.49
C THR B 131 19.77 -10.40 -18.98
N ILE B 132 18.45 -10.32 -19.17
CA ILE B 132 17.55 -11.27 -18.51
C ILE B 132 17.63 -12.65 -19.14
N ASP B 133 17.83 -12.73 -20.47
CA ASP B 133 17.86 -14.03 -21.13
C ASP B 133 19.00 -14.89 -20.60
N GLY B 134 20.17 -14.28 -20.40
CA GLY B 134 21.30 -15.03 -19.89
C GLY B 134 21.06 -15.54 -18.47
N MET B 135 20.50 -14.68 -17.61
CA MET B 135 20.17 -15.12 -16.26
C MET B 135 19.18 -16.28 -16.28
N ILE B 136 18.12 -16.16 -17.08
CA ILE B 136 17.15 -17.25 -17.19
C ILE B 136 17.81 -18.53 -17.65
N SER B 137 18.68 -18.42 -18.65
CA SER B 137 19.30 -19.62 -19.22
C SER B 137 20.18 -20.33 -18.20
N ARG B 138 20.74 -19.58 -17.24
CA ARG B 138 21.59 -20.16 -16.21
C ARG B 138 20.81 -20.54 -14.95
N GLY B 139 19.54 -20.19 -14.85
CA GLY B 139 18.76 -20.55 -13.67
C GLY B 139 19.12 -19.78 -12.42
N PHE B 140 19.83 -18.67 -12.57
CA PHE B 140 20.17 -17.80 -11.44
C PHE B 140 20.27 -16.38 -11.95
N GLY B 141 19.65 -15.45 -11.23
CA GLY B 141 19.81 -14.06 -11.58
C GLY B 141 19.37 -13.16 -10.45
N ARG B 142 19.99 -11.99 -10.33
CA ARG B 142 19.59 -11.00 -9.33
C ARG B 142 19.63 -9.64 -9.99
N VAL B 143 18.50 -8.92 -9.92
CA VAL B 143 18.44 -7.53 -10.32
C VAL B 143 18.01 -6.71 -9.11
N VAL B 144 18.76 -5.67 -8.79
CA VAL B 144 18.40 -4.73 -7.73
C VAL B 144 18.38 -3.35 -8.35
N ASN B 145 17.23 -2.67 -8.26
CA ASN B 145 17.09 -1.33 -8.82
C ASN B 145 17.13 -0.32 -7.69
N ILE B 146 18.09 0.60 -7.75
CA ILE B 146 18.14 1.71 -6.80
C ILE B 146 17.10 2.74 -7.23
N THR B 147 16.06 2.94 -6.42
CA THR B 147 15.07 3.93 -6.78
C THR B 147 15.07 5.05 -5.75
N SER B 148 13.99 5.19 -4.97
CA SER B 148 13.85 6.33 -4.06
C SER B 148 12.62 6.14 -3.20
N SER B 149 12.64 6.76 -2.02
CA SER B 149 11.43 6.90 -1.22
C SER B 149 10.34 7.66 -1.96
N SER B 150 10.70 8.37 -3.03
CA SER B 150 9.73 9.16 -3.79
C SER B 150 8.61 8.30 -4.35
N VAL B 151 8.81 6.99 -4.49
CA VAL B 151 7.73 6.14 -4.99
C VAL B 151 6.75 5.74 -3.90
N LYS B 152 7.11 5.92 -2.63
CA LYS B 152 6.18 5.67 -1.53
C LYS B 152 5.45 6.93 -1.10
N ALA B 153 6.16 8.06 -1.11
CA ALA B 153 5.59 9.35 -0.79
C ALA B 153 6.28 10.38 -1.67
N PRO B 154 5.54 11.18 -2.43
CA PRO B 154 6.18 12.13 -3.34
C PRO B 154 7.02 13.15 -2.59
N ILE B 155 8.17 13.46 -3.16
CA ILE B 155 9.06 14.49 -2.63
C ILE B 155 8.72 15.81 -3.31
N ASP B 156 8.51 16.85 -2.51
CA ASP B 156 7.97 18.13 -2.96
C ASP B 156 8.58 18.60 -4.27
N VAL B 157 9.88 18.80 -4.29
CA VAL B 157 10.53 19.45 -5.44
C VAL B 157 11.04 18.43 -6.44
N LEU B 158 10.73 17.15 -6.24
CA LEU B 158 11.29 16.12 -7.12
C LEU B 158 10.21 15.39 -7.92
N GLY B 159 9.29 16.16 -8.49
CA GLY B 159 8.24 15.58 -9.32
C GLY B 159 8.75 14.68 -10.43
N LEU B 160 9.91 15.02 -11.01
CA LEU B 160 10.47 14.18 -12.07
C LEU B 160 10.86 12.81 -11.55
N SER B 161 11.33 12.74 -10.30
CA SER B 161 11.60 11.44 -9.67
C SER B 161 10.31 10.74 -9.28
N ASN B 162 9.38 11.47 -8.66
CA ASN B 162 8.08 10.93 -8.29
C ASN B 162 7.44 10.21 -9.47
N GLY B 163 7.54 10.80 -10.66
CA GLY B 163 7.00 10.16 -11.84
C GLY B 163 7.87 9.05 -12.40
N ALA B 164 9.11 9.36 -12.79
CA ALA B 164 9.91 8.39 -13.54
C ALA B 164 10.17 7.12 -12.73
N ARG B 165 10.52 7.27 -11.45
CA ARG B 165 10.86 6.09 -10.66
C ARG B 165 9.62 5.27 -10.33
N SER B 166 8.46 5.92 -10.20
CA SER B 166 7.22 5.18 -10.03
C SER B 166 6.86 4.43 -11.30
N GLY B 167 7.15 4.99 -12.47
CA GLY B 167 6.96 4.24 -13.71
C GLY B 167 7.80 3.00 -13.75
N LEU B 168 9.09 3.12 -13.41
CA LEU B 168 9.95 1.95 -13.34
C LEU B 168 9.33 0.91 -12.42
N THR B 169 8.94 1.34 -11.22
CA THR B 169 8.50 0.40 -10.19
C THR B 169 7.27 -0.38 -10.63
N GLY B 170 6.31 0.29 -11.27
CA GLY B 170 5.12 -0.41 -11.73
C GLY B 170 5.42 -1.46 -12.79
N PHE B 171 6.39 -1.18 -13.65
CA PHE B 171 6.79 -2.15 -14.66
C PHE B 171 7.56 -3.32 -14.05
N ILE B 172 8.47 -3.02 -13.13
CA ILE B 172 9.26 -4.06 -12.45
C ILE B 172 8.35 -5.08 -11.79
N ALA B 173 7.24 -4.63 -11.21
CA ALA B 173 6.32 -5.56 -10.54
C ALA B 173 5.93 -6.71 -11.45
N GLY B 174 5.66 -6.41 -12.72
CA GLY B 174 5.26 -7.46 -13.64
C GLY B 174 6.40 -8.38 -14.05
N VAL B 175 7.55 -7.79 -14.39
CA VAL B 175 8.64 -8.63 -14.89
CA VAL B 175 8.67 -8.59 -14.87
C VAL B 175 9.20 -9.50 -13.76
N ALA B 176 9.23 -9.00 -12.53
CA ALA B 176 9.72 -9.81 -11.43
C ALA B 176 8.93 -11.11 -11.31
N ARG B 177 7.61 -11.01 -11.41
CA ARG B 177 6.83 -12.23 -11.28
C ARG B 177 6.90 -13.08 -12.54
N LYS B 178 7.12 -12.46 -13.71
CA LYS B 178 7.23 -13.21 -14.95
C LYS B 178 8.47 -14.09 -14.98
N VAL B 179 9.60 -13.58 -14.49
CA VAL B 179 10.87 -14.32 -14.59
C VAL B 179 11.18 -15.14 -13.35
N ALA B 180 10.37 -15.02 -12.29
CA ALA B 180 10.64 -15.77 -11.07
C ALA B 180 10.71 -17.29 -11.25
N PRO B 181 10.03 -17.94 -12.21
CA PRO B 181 10.17 -19.40 -12.32
C PRO B 181 11.57 -19.88 -12.66
N ASN B 182 12.46 -18.99 -13.10
CA ASN B 182 13.76 -19.37 -13.62
C ASN B 182 14.90 -19.04 -12.66
N GLY B 183 14.60 -18.88 -11.37
CA GLY B 183 15.64 -18.62 -10.40
C GLY B 183 16.19 -17.21 -10.43
N VAL B 184 15.44 -16.28 -11.03
CA VAL B 184 15.82 -14.87 -11.10
C VAL B 184 14.92 -14.10 -10.15
N THR B 185 15.50 -13.18 -9.38
CA THR B 185 14.69 -12.27 -8.58
C THR B 185 14.98 -10.84 -9.03
N ILE B 186 13.98 -9.98 -8.89
CA ILE B 186 14.10 -8.56 -9.24
C ILE B 186 13.46 -7.77 -8.11
N ASN B 187 14.24 -6.91 -7.45
CA ASN B 187 13.75 -6.16 -6.30
C ASN B 187 14.27 -4.74 -6.40
N ASN B 188 13.62 -3.85 -5.65
CA ASN B 188 13.97 -2.44 -5.65
C ASN B 188 14.40 -2.03 -4.26
N LEU B 189 15.45 -1.24 -4.19
CA LEU B 189 15.96 -0.68 -2.94
C LEU B 189 15.67 0.82 -2.95
N LEU B 190 14.91 1.28 -1.97
CA LEU B 190 14.38 2.63 -1.95
C LEU B 190 15.09 3.41 -0.86
N PRO B 191 16.08 4.24 -1.18
CA PRO B 191 16.75 5.00 -0.12
C PRO B 191 15.91 6.17 0.35
N GLY B 192 15.91 6.37 1.68
CA GLY B 192 15.58 7.65 2.26
C GLY B 192 16.81 8.54 2.10
N ILE B 193 17.11 9.39 3.06
CA ILE B 193 18.26 10.28 2.90
C ILE B 193 19.53 9.55 3.30
N PHE B 194 20.49 9.48 2.38
CA PHE B 194 21.78 8.84 2.59
C PHE B 194 22.92 9.84 2.47
N ASP B 195 23.96 9.63 3.28
CA ASP B 195 25.07 10.58 3.42
C ASP B 195 26.06 10.41 2.25
N THR B 196 25.64 10.88 1.08
CA THR B 196 26.46 10.88 -0.11
C THR B 196 26.78 12.30 -0.54
N ASP B 197 27.56 12.42 -1.62
CA ASP B 197 27.91 13.73 -2.14
C ASP B 197 26.68 14.50 -2.64
N ARG B 198 25.70 13.79 -3.23
CA ARG B 198 24.49 14.48 -3.67
C ARG B 198 23.85 15.21 -2.50
N ILE B 199 23.82 14.58 -1.33
CA ILE B 199 23.19 15.16 -0.16
C ILE B 199 24.10 16.22 0.47
N ALA B 200 25.42 15.98 0.48
CA ALA B 200 26.33 16.94 1.09
C ALA B 200 26.28 18.28 0.36
N VAL B 201 26.14 18.25 -0.96
CA VAL B 201 25.99 19.49 -1.72
C VAL B 201 24.71 20.22 -1.31
N THR B 202 23.61 19.47 -1.15
CA THR B 202 22.34 20.07 -0.77
C THR B 202 22.43 20.79 0.57
N PHE B 203 23.14 20.20 1.53
CA PHE B 203 23.25 20.82 2.85
C PHE B 203 24.26 21.97 2.87
N ASP B 204 25.30 21.90 2.02
CA ASP B 204 26.17 23.06 1.86
C ASP B 204 25.37 24.28 1.47
N ALA B 205 24.39 24.10 0.57
CA ALA B 205 23.55 25.22 0.14
C ALA B 205 22.62 25.68 1.26
N ALA B 206 22.07 24.74 2.03
CA ALA B 206 21.19 25.10 3.13
C ALA B 206 21.94 25.88 4.20
N ALA B 207 23.12 25.40 4.57
CA ALA B 207 23.93 26.10 5.57
C ALA B 207 24.25 27.52 5.12
N LYS B 208 24.69 27.67 3.87
CA LYS B 208 25.02 28.99 3.37
C LYS B 208 23.79 29.89 3.34
N ALA B 209 22.65 29.36 2.93
CA ALA B 209 21.43 30.17 2.84
C ALA B 209 20.98 30.67 4.21
N GLN B 210 21.26 29.90 5.27
CA GLN B 210 20.80 30.25 6.61
C GLN B 210 21.92 30.78 7.49
N ASN B 211 23.14 30.91 6.96
CA ASN B 211 24.31 31.36 7.71
C ASN B 211 24.55 30.51 8.97
N ILE B 212 24.36 29.20 8.81
CA ILE B 212 24.65 28.23 9.87
C ILE B 212 25.70 27.26 9.33
N SER B 213 26.26 26.47 10.24
CA SER B 213 27.24 25.47 9.83
C SER B 213 26.55 24.32 9.10
N VAL B 214 27.33 23.65 8.25
CA VAL B 214 26.84 22.43 7.61
C VAL B 214 26.41 21.41 8.66
N ASP B 215 27.14 21.34 9.78
CA ASP B 215 26.79 20.40 10.84
C ASP B 215 25.40 20.70 11.40
N GLU B 216 25.09 21.98 11.63
CA GLU B 216 23.78 22.35 12.14
C GLU B 216 22.67 22.11 11.11
N ALA B 217 22.95 22.42 9.84
CA ALA B 217 21.95 22.16 8.80
C ALA B 217 21.62 20.68 8.72
N ARG B 218 22.64 19.83 8.78
CA ARG B 218 22.40 18.38 8.75
C ARG B 218 21.65 17.91 9.99
N LYS B 219 22.02 18.44 11.17
CA LYS B 219 21.33 18.06 12.39
C LYS B 219 19.86 18.47 12.37
N GLN B 220 19.54 19.60 11.72
CA GLN B 220 18.15 20.01 11.59
C GLN B 220 17.33 18.96 10.83
N ARG B 221 17.90 18.42 9.75
CA ARG B 221 17.19 17.38 9.00
C ARG B 221 17.12 16.08 9.79
N MET B 222 18.22 15.69 10.45
CA MET B 222 18.23 14.44 11.22
C MET B 222 17.15 14.44 12.30
N ALA B 223 16.86 15.62 12.87
CA ALA B 223 15.89 15.70 13.95
C ALA B 223 14.49 15.28 13.52
N THR B 224 14.20 15.33 12.22
CA THR B 224 12.90 14.95 11.69
C THR B 224 12.83 13.47 11.30
N ILE B 225 13.94 12.75 11.32
CA ILE B 225 13.99 11.34 10.92
C ILE B 225 13.87 10.50 12.18
N PRO B 226 12.97 9.52 12.25
CA PRO B 226 12.84 8.75 13.50
C PRO B 226 14.16 8.13 13.96
N ALA B 227 14.98 7.61 13.05
CA ALA B 227 16.28 7.08 13.45
C ALA B 227 17.28 8.16 13.85
N ARG B 228 17.01 9.44 13.54
CA ARG B 228 17.82 10.57 13.97
C ARG B 228 19.23 10.57 13.36
N ARG B 229 19.36 9.99 12.18
CA ARG B 229 20.63 9.99 11.45
C ARG B 229 20.31 9.83 9.96
N PHE B 230 21.33 10.01 9.13
CA PHE B 230 21.25 9.67 7.72
C PHE B 230 21.72 8.24 7.51
N GLY B 231 21.34 7.66 6.38
CA GLY B 231 21.82 6.34 6.05
C GLY B 231 23.26 6.35 5.56
N THR B 232 23.92 5.21 5.71
CA THR B 232 25.30 5.13 5.24
C THR B 232 25.35 4.37 3.91
N PRO B 233 26.22 4.76 2.98
CA PRO B 233 26.37 3.94 1.76
C PRO B 233 26.72 2.49 2.06
N ASP B 234 27.49 2.26 3.13
CA ASP B 234 27.85 0.89 3.50
C ASP B 234 26.62 0.04 3.80
N GLU B 235 25.72 0.53 4.66
CA GLU B 235 24.58 -0.32 5.01
C GLU B 235 23.63 -0.50 3.84
N PHE B 236 23.54 0.50 2.96
CA PHE B 236 22.77 0.34 1.74
C PHE B 236 23.34 -0.79 0.89
N GLY B 237 24.66 -0.78 0.70
CA GLY B 237 25.30 -1.85 -0.05
C GLY B 237 25.09 -3.22 0.57
N ARG B 238 25.10 -3.29 1.91
CA ARG B 238 24.92 -4.60 2.56
C ARG B 238 23.52 -5.15 2.30
N ALA B 239 22.50 -4.29 2.33
CA ALA B 239 21.16 -4.74 1.98
C ALA B 239 21.11 -5.21 0.53
N CYS B 240 21.77 -4.48 -0.37
CA CYS B 240 21.88 -4.94 -1.75
C CYS B 240 22.52 -6.32 -1.84
N ALA B 241 23.63 -6.53 -1.12
CA ALA B 241 24.32 -7.81 -1.18
C ALA B 241 23.44 -8.94 -0.65
N PHE B 242 22.65 -8.68 0.41
CA PHE B 242 21.76 -9.74 0.89
C PHE B 242 20.73 -10.10 -0.17
N LEU B 243 20.15 -9.11 -0.84
CA LEU B 243 19.20 -9.42 -1.90
C LEU B 243 19.84 -10.22 -3.03
N CYS B 244 21.11 -9.97 -3.30
CA CYS B 244 21.80 -10.70 -4.36
C CYS B 244 22.27 -12.09 -3.94
N SER B 245 22.04 -12.49 -2.69
CA SER B 245 22.59 -13.72 -2.14
C SER B 245 21.71 -14.94 -2.47
N VAL B 246 22.25 -16.12 -2.20
CA VAL B 246 21.50 -17.37 -2.34
C VAL B 246 20.48 -17.52 -1.23
N HIS B 247 20.48 -16.59 -0.27
CA HIS B 247 19.55 -16.63 0.84
C HIS B 247 18.32 -15.76 0.63
N ALA B 248 18.23 -15.09 -0.51
CA ALA B 248 17.11 -14.20 -0.83
C ALA B 248 16.37 -14.67 -2.06
N GLY B 249 16.48 -15.96 -2.38
CA GLY B 249 15.84 -16.46 -3.59
C GLY B 249 14.33 -16.51 -3.52
N TYR B 250 13.74 -16.34 -2.34
CA TYR B 250 12.29 -16.33 -2.20
C TYR B 250 11.75 -14.92 -2.04
N ILE B 251 12.58 -13.92 -2.32
CA ILE B 251 12.21 -12.51 -2.24
C ILE B 251 12.24 -11.98 -3.66
N THR B 252 11.09 -11.63 -4.21
CA THR B 252 11.09 -11.01 -5.53
C THR B 252 9.90 -10.07 -5.67
N GLY B 253 10.07 -9.06 -6.51
CA GLY B 253 9.05 -8.05 -6.66
C GLY B 253 8.87 -7.17 -5.45
N GLN B 254 9.86 -7.08 -4.57
CA GLN B 254 9.68 -6.34 -3.33
C GLN B 254 10.35 -4.98 -3.41
N ASN B 255 9.73 -4.01 -2.73
CA ASN B 255 10.25 -2.65 -2.59
C ASN B 255 10.72 -2.48 -1.17
N TRP B 256 12.04 -2.51 -0.97
CA TRP B 256 12.63 -2.42 0.36
C TRP B 256 13.00 -0.97 0.63
N LEU B 257 12.26 -0.34 1.53
CA LEU B 257 12.49 1.04 1.92
C LEU B 257 13.49 1.07 3.08
N ILE B 258 14.58 1.79 2.89
CA ILE B 258 15.63 1.87 3.90
C ILE B 258 15.74 3.36 4.24
N ASP B 259 15.03 3.79 5.28
CA ASP B 259 14.86 5.23 5.47
C ASP B 259 14.77 5.66 6.93
N GLY B 260 15.16 4.80 7.87
CA GLY B 260 15.11 5.17 9.27
C GLY B 260 13.73 5.49 9.78
N GLY B 261 12.70 4.95 9.14
CA GLY B 261 11.33 5.20 9.57
C GLY B 261 10.71 6.50 9.09
N ALA B 262 11.38 7.26 8.20
CA ALA B 262 10.90 8.59 7.85
C ALA B 262 9.54 8.56 7.14
N TYR B 263 9.34 7.64 6.22
CA TYR B 263 8.03 7.47 5.59
C TYR B 263 7.03 7.03 6.65
N PRO B 264 5.89 7.71 6.80
CA PRO B 264 5.00 7.41 7.92
C PRO B 264 3.97 6.32 7.64
N GLY B 265 3.88 5.81 6.43
CA GLY B 265 2.84 4.86 6.12
C GLY B 265 3.09 3.49 6.74
N THR B 266 1.99 2.85 7.13
CA THR B 266 2.08 1.53 7.74
C THR B 266 2.71 0.52 6.80
N TYR B 267 2.37 0.60 5.50
CA TYR B 267 2.92 -0.31 4.51
C TYR B 267 3.69 0.46 3.46
N HIS C 7 -30.66 19.92 -10.58
CA HIS C 7 -29.88 18.74 -10.91
C HIS C 7 -29.48 17.99 -9.65
N HIS C 8 -29.63 16.67 -9.68
CA HIS C 8 -29.28 15.84 -8.54
C HIS C 8 -29.30 14.37 -8.94
N MET C 9 -28.43 13.58 -8.31
CA MET C 9 -28.15 12.20 -8.72
C MET C 9 -28.98 11.23 -7.90
N ASP C 10 -29.77 10.40 -8.60
CA ASP C 10 -30.65 9.43 -7.94
C ASP C 10 -29.84 8.22 -7.52
N LEU C 11 -29.66 8.03 -6.21
CA LEU C 11 -28.87 6.93 -5.71
C LEU C 11 -29.61 5.60 -5.69
N GLY C 12 -30.90 5.59 -6.01
CA GLY C 12 -31.65 4.36 -6.19
C GLY C 12 -31.90 3.55 -4.93
N ILE C 13 -31.85 4.17 -3.76
CA ILE C 13 -31.97 3.44 -2.50
C ILE C 13 -33.14 3.93 -1.66
N ALA C 14 -34.06 4.70 -2.25
CA ALA C 14 -35.25 5.13 -1.53
C ALA C 14 -36.09 3.93 -1.13
N GLY C 15 -36.55 3.93 0.12
CA GLY C 15 -37.34 2.83 0.64
C GLY C 15 -36.53 1.69 1.23
N LYS C 16 -35.21 1.68 1.03
CA LYS C 16 -34.39 0.67 1.67
C LYS C 16 -34.24 1.01 3.15
N SER C 17 -33.69 0.05 3.90
CA SER C 17 -33.53 0.20 5.34
CA SER C 17 -33.53 0.17 5.34
C SER C 17 -32.05 0.23 5.70
N ALA C 18 -31.69 1.10 6.63
CA ALA C 18 -30.31 1.22 7.06
C ALA C 18 -30.25 1.18 8.58
N LEU C 19 -29.25 0.47 9.09
CA LEU C 19 -28.88 0.51 10.50
C LEU C 19 -27.60 1.33 10.60
N VAL C 20 -27.67 2.48 11.28
CA VAL C 20 -26.55 3.42 11.35
C VAL C 20 -26.09 3.52 12.81
N CYS C 21 -24.90 2.99 13.09
CA CYS C 21 -24.43 2.88 14.46
C CYS C 21 -23.76 4.15 14.93
N ALA C 22 -23.94 4.47 16.22
CA ALA C 22 -23.20 5.54 16.88
C ALA C 22 -23.43 6.86 16.14
N ALA C 23 -24.70 7.26 16.07
CA ALA C 23 -25.10 8.21 15.04
C ALA C 23 -26.03 9.31 15.54
N SER C 24 -26.05 9.59 16.85
CA SER C 24 -26.78 10.79 17.28
C SER C 24 -25.97 12.06 17.04
N LYS C 25 -24.66 11.95 16.82
CA LYS C 25 -23.75 13.07 16.63
C LYS C 25 -22.70 12.70 15.60
N GLY C 26 -22.00 13.72 15.10
CA GLY C 26 -20.73 13.50 14.42
C GLY C 26 -20.85 12.78 13.08
N LEU C 27 -19.83 11.96 12.79
CA LEU C 27 -19.75 11.28 11.50
C LEU C 27 -20.93 10.33 11.30
N GLY C 28 -21.30 9.60 12.35
CA GLY C 28 -22.43 8.70 12.22
C GLY C 28 -23.72 9.45 11.90
N ARG C 29 -23.96 10.56 12.58
CA ARG C 29 -25.11 11.40 12.27
C ARG C 29 -25.07 11.88 10.82
N GLY C 30 -23.89 12.31 10.36
CA GLY C 30 -23.78 12.74 8.98
C GLY C 30 -24.19 11.66 7.99
N CYS C 31 -23.81 10.41 8.28
CA CYS C 31 -24.21 9.29 7.42
C CYS C 31 -25.72 9.06 7.49
N ALA C 32 -26.29 9.08 8.70
CA ALA C 32 -27.73 8.88 8.82
C ALA C 32 -28.50 9.96 8.07
N GLU C 33 -28.07 11.22 8.21
CA GLU C 33 -28.72 12.32 7.51
C GLU C 33 -28.64 12.15 6.00
N ALA C 34 -27.45 11.78 5.49
CA ALA C 34 -27.27 11.67 4.06
C ALA C 34 -28.10 10.52 3.48
N LEU C 35 -28.19 9.41 4.22
CA LEU C 35 -29.01 8.29 3.75
C LEU C 35 -30.50 8.64 3.79
N ALA C 36 -30.95 9.27 4.87
CA ALA C 36 -32.33 9.72 4.95
C ALA C 36 -32.67 10.71 3.84
N ALA C 37 -31.71 11.57 3.46
CA ALA C 37 -31.96 12.51 2.39
C ALA C 37 -32.24 11.81 1.07
N GLU C 38 -31.73 10.59 0.90
CA GLU C 38 -31.95 9.81 -0.30
C GLU C 38 -33.12 8.84 -0.14
N GLY C 39 -33.93 9.00 0.89
CA GLY C 39 -35.14 8.20 1.05
C GLY C 39 -34.96 6.91 1.82
N VAL C 40 -33.80 6.70 2.44
CA VAL C 40 -33.56 5.49 3.20
C VAL C 40 -34.22 5.61 4.57
N ASN C 41 -34.96 4.58 4.96
CA ASN C 41 -35.46 4.49 6.33
C ASN C 41 -34.30 4.12 7.25
N VAL C 42 -34.04 4.95 8.26
CA VAL C 42 -32.83 4.79 9.06
C VAL C 42 -33.18 4.44 10.50
N THR C 43 -32.41 3.51 11.06
CA THR C 43 -32.42 3.21 12.48
C THR C 43 -31.10 3.69 13.03
N ILE C 44 -31.15 4.66 13.95
CA ILE C 44 -29.94 5.25 14.50
C ILE C 44 -29.76 4.76 15.93
N VAL C 45 -28.50 4.52 16.30
CA VAL C 45 -28.13 3.91 17.57
C VAL C 45 -27.19 4.85 18.30
N ALA C 46 -27.45 5.09 19.58
CA ALA C 46 -26.49 5.81 20.43
C ALA C 46 -26.82 5.50 21.88
N ARG C 47 -25.88 5.80 22.79
CA ARG C 47 -26.11 5.44 24.19
C ARG C 47 -27.05 6.39 24.90
N THR C 48 -26.90 7.71 24.68
CA THR C 48 -27.60 8.67 25.53
C THR C 48 -28.93 9.06 24.91
N PRO C 49 -30.05 8.84 25.59
CA PRO C 49 -31.37 9.10 24.96
C PRO C 49 -31.60 10.53 24.55
N GLU C 50 -31.16 11.51 25.35
CA GLU C 50 -31.51 12.90 25.09
C GLU C 50 -31.10 13.32 23.68
N THR C 51 -29.82 13.15 23.35
CA THR C 51 -29.33 13.56 22.04
CA THR C 51 -29.36 13.59 22.03
C THR C 51 -29.84 12.63 20.94
N LEU C 52 -29.96 11.34 21.25
CA LEU C 52 -30.47 10.37 20.28
C LEU C 52 -31.89 10.74 19.84
N ASP C 53 -32.78 10.99 20.80
CA ASP C 53 -34.17 11.32 20.47
C ASP C 53 -34.24 12.61 19.67
N ALA C 54 -33.41 13.59 20.03
CA ALA C 54 -33.43 14.87 19.31
C ALA C 54 -32.97 14.71 17.86
N THR C 55 -31.89 13.93 17.64
CA THR C 55 -31.42 13.72 16.28
C THR C 55 -32.43 12.92 15.47
N ALA C 56 -33.05 11.92 16.10
CA ALA C 56 -34.06 11.15 15.39
C ALA C 56 -35.24 12.03 14.98
N ALA C 57 -35.68 12.91 15.87
CA ALA C 57 -36.80 13.81 15.54
C ALA C 57 -36.44 14.79 14.44
N ALA C 58 -35.22 15.33 14.49
CA ALA C 58 -34.74 16.24 13.44
C ALA C 58 -34.75 15.56 12.07
N ILE C 59 -34.24 14.33 12.00
CA ILE C 59 -34.17 13.65 10.71
C ILE C 59 -35.58 13.31 10.22
N ARG C 60 -36.46 12.88 11.13
CA ARG C 60 -37.86 12.65 10.79
C ARG C 60 -38.49 13.88 10.14
N ALA C 61 -38.31 15.05 10.77
CA ALA C 61 -38.93 16.29 10.31
C ALA C 61 -38.26 16.88 9.08
N ASN C 62 -37.00 16.54 8.83
CA ASN C 62 -36.28 17.07 7.67
C ASN C 62 -36.40 16.17 6.45
N ALA C 63 -36.38 14.85 6.65
CA ALA C 63 -36.31 13.90 5.56
C ALA C 63 -37.62 13.19 5.26
N GLY C 64 -38.50 13.06 6.23
CA GLY C 64 -39.78 12.41 5.96
C GLY C 64 -39.71 10.92 5.74
N VAL C 65 -38.62 10.27 6.15
CA VAL C 65 -38.50 8.82 6.11
C VAL C 65 -38.90 8.27 7.48
N ASP C 66 -39.01 6.96 7.59
CA ASP C 66 -39.18 6.34 8.89
C ASP C 66 -37.85 6.35 9.64
N VAL C 67 -37.87 6.83 10.87
CA VAL C 67 -36.66 6.91 11.69
C VAL C 67 -36.92 6.17 12.99
N GLN C 68 -36.07 5.21 13.29
CA GLN C 68 -36.11 4.50 14.56
C GLN C 68 -34.88 4.86 15.37
N ALA C 69 -35.05 4.95 16.68
CA ALA C 69 -33.96 5.26 17.60
C ALA C 69 -33.82 4.12 18.60
N VAL C 70 -32.59 3.62 18.74
CA VAL C 70 -32.27 2.56 19.70
C VAL C 70 -31.23 3.11 20.66
N ALA C 71 -31.57 3.19 21.95
CA ALA C 71 -30.65 3.63 23.00
C ALA C 71 -29.91 2.41 23.52
N CYS C 72 -28.63 2.27 23.14
CA CYS C 72 -27.84 1.14 23.62
C CYS C 72 -26.38 1.41 23.34
N ASP C 73 -25.53 0.69 24.06
CA ASP C 73 -24.11 0.56 23.77
C ASP C 73 -23.94 -0.51 22.70
N ILE C 74 -23.62 -0.09 21.48
CA ILE C 74 -23.51 -1.02 20.36
C ILE C 74 -22.34 -1.98 20.50
N THR C 75 -21.40 -1.73 21.43
CA THR C 75 -20.23 -2.59 21.60
C THR C 75 -20.47 -3.70 22.62
N THR C 76 -21.73 -3.98 22.94
CA THR C 76 -22.13 -5.10 23.77
C THR C 76 -22.99 -6.05 22.95
N PRO C 77 -22.98 -7.34 23.26
CA PRO C 77 -23.93 -8.25 22.58
C PRO C 77 -25.38 -7.84 22.79
N GLU C 78 -25.73 -7.39 23.99
CA GLU C 78 -27.10 -6.98 24.25
C GLU C 78 -27.48 -5.76 23.44
N GLY C 79 -26.55 -4.82 23.27
CA GLY C 79 -26.83 -3.65 22.45
C GLY C 79 -27.00 -4.01 20.98
N ARG C 80 -26.15 -4.88 20.47
CA ARG C 80 -26.30 -5.35 19.10
C ARG C 80 -27.65 -6.02 18.91
N ALA C 81 -28.06 -6.84 19.88
CA ALA C 81 -29.37 -7.50 19.78
C ALA C 81 -30.51 -6.49 19.81
N ALA C 82 -30.37 -5.42 20.62
CA ALA C 82 -31.43 -4.42 20.65
C ALA C 82 -31.52 -3.67 19.32
N ALA C 83 -30.37 -3.39 18.71
CA ALA C 83 -30.36 -2.71 17.42
C ALA C 83 -31.00 -3.58 16.35
N LEU C 84 -30.66 -4.87 16.34
CA LEU C 84 -31.22 -5.78 15.33
C LEU C 84 -32.70 -6.06 15.59
N ALA C 85 -33.14 -6.02 16.85
CA ALA C 85 -34.57 -6.19 17.09
C ALA C 85 -35.37 -5.07 16.45
N ALA C 86 -34.84 -3.84 16.45
CA ALA C 86 -35.52 -2.71 15.82
C ALA C 86 -35.39 -2.73 14.31
N CYS C 87 -34.24 -3.19 13.80
CA CYS C 87 -33.93 -3.19 12.38
C CYS C 87 -33.37 -4.55 12.02
N PRO C 88 -34.23 -5.55 11.85
CA PRO C 88 -33.73 -6.93 11.75
C PRO C 88 -33.17 -7.32 10.40
N GLN C 89 -33.51 -6.61 9.33
CA GLN C 89 -33.07 -6.98 7.98
C GLN C 89 -32.60 -5.75 7.22
N PRO C 90 -31.54 -5.10 7.70
CA PRO C 90 -31.06 -3.90 7.01
C PRO C 90 -30.51 -4.21 5.63
N ASP C 91 -30.80 -3.34 4.67
CA ASP C 91 -30.11 -3.38 3.39
C ASP C 91 -28.72 -2.78 3.50
N ILE C 92 -28.56 -1.84 4.43
CA ILE C 92 -27.38 -0.98 4.56
C ILE C 92 -26.98 -0.99 6.02
N LEU C 93 -25.69 -1.25 6.28
CA LEU C 93 -25.15 -1.23 7.64
C LEU C 93 -24.00 -0.24 7.68
N VAL C 94 -24.09 0.74 8.57
CA VAL C 94 -22.97 1.67 8.80
C VAL C 94 -22.41 1.36 10.17
N ASN C 95 -21.22 0.77 10.20
CA ASN C 95 -20.56 0.42 11.45
C ASN C 95 -19.77 1.59 12.01
N ASN C 96 -19.87 1.77 13.32
CA ASN C 96 -19.28 2.91 14.02
C ASN C 96 -19.45 2.69 15.50
N ALA C 97 -18.54 3.25 16.27
CA ALA C 97 -18.59 3.25 17.74
C ALA C 97 -17.54 4.24 18.20
N GLY C 98 -17.64 4.66 19.44
CA GLY C 98 -16.64 5.57 19.97
C GLY C 98 -15.26 4.93 19.96
N GLY C 99 -14.26 5.78 19.72
CA GLY C 99 -12.90 5.32 19.58
C GLY C 99 -12.17 5.23 20.91
N PRO C 100 -10.97 4.67 20.88
CA PRO C 100 -10.24 4.41 22.12
C PRO C 100 -9.55 5.66 22.64
N PRO C 101 -9.14 5.65 23.90
CA PRO C 101 -8.46 6.79 24.48
C PRO C 101 -7.01 6.88 24.02
N PRO C 102 -6.44 8.07 24.05
CA PRO C 102 -5.01 8.23 23.70
C PRO C 102 -4.11 7.79 24.84
N GLY C 103 -2.87 7.49 24.48
CA GLY C 103 -1.86 7.21 25.48
C GLY C 103 -0.57 6.74 24.86
N ASP C 104 0.47 6.70 25.69
CA ASP C 104 1.73 6.08 25.29
C ASP C 104 1.60 4.57 25.41
N PHE C 105 2.20 3.86 24.44
CA PHE C 105 1.99 2.42 24.36
C PHE C 105 2.41 1.70 25.64
N ARG C 106 3.38 2.23 26.38
CA ARG C 106 3.82 1.54 27.59
C ARG C 106 2.79 1.60 28.70
N ASN C 107 1.77 2.45 28.57
CA ASN C 107 0.71 2.55 29.56
C ASN C 107 -0.58 1.83 29.17
N PHE C 108 -0.64 1.26 27.96
CA PHE C 108 -1.80 0.46 27.59
C PHE C 108 -1.84 -0.82 28.41
N THR C 109 -2.98 -1.09 29.04
CA THR C 109 -3.15 -2.35 29.75
C THR C 109 -3.77 -3.39 28.82
N HIS C 110 -3.72 -4.65 29.27
CA HIS C 110 -4.40 -5.71 28.54
C HIS C 110 -5.88 -5.38 28.36
N ASP C 111 -6.51 -4.88 29.40
CA ASP C 111 -7.92 -4.52 29.32
CA ASP C 111 -7.92 -4.53 29.33
C ASP C 111 -8.16 -3.37 28.37
N ASP C 112 -7.24 -2.40 28.32
CA ASP C 112 -7.35 -1.34 27.32
C ASP C 112 -7.41 -1.93 25.92
N TRP C 113 -6.54 -2.90 25.65
CA TRP C 113 -6.51 -3.53 24.33
C TRP C 113 -7.81 -4.27 24.04
N ILE C 114 -8.28 -5.08 25.00
CA ILE C 114 -9.51 -5.83 24.76
C ILE C 114 -10.67 -4.89 24.51
N ARG C 115 -10.78 -3.81 25.29
CA ARG C 115 -11.87 -2.88 25.10
CA ARG C 115 -11.86 -2.84 25.11
C ARG C 115 -11.82 -2.21 23.73
N ALA C 116 -10.63 -1.80 23.29
CA ALA C 116 -10.52 -1.19 21.96
C ALA C 116 -10.85 -2.19 20.87
N LEU C 117 -10.36 -3.42 21.02
CA LEU C 117 -10.64 -4.46 20.04
C LEU C 117 -12.13 -4.80 19.99
N GLU C 118 -12.78 -4.88 21.16
CA GLU C 118 -14.22 -5.11 21.15
CA GLU C 118 -14.22 -5.11 21.15
C GLU C 118 -14.96 -3.98 20.44
N ALA C 119 -14.64 -2.74 20.79
CA ALA C 119 -15.41 -1.60 20.28
C ALA C 119 -15.22 -1.42 18.78
N ASN C 120 -13.97 -1.47 18.31
CA ASN C 120 -13.65 -0.96 16.99
C ASN C 120 -13.22 -2.06 16.03
N MET C 121 -13.28 -3.32 16.46
CA MET C 121 -13.02 -4.43 15.55
C MET C 121 -14.10 -5.50 15.68
N LEU C 122 -14.28 -6.06 16.88
CA LEU C 122 -15.20 -7.20 16.99
C LEU C 122 -16.66 -6.76 16.87
N THR C 123 -17.01 -5.56 17.34
CA THR C 123 -18.38 -5.09 17.20
C THR C 123 -18.80 -4.98 15.73
N PRO C 124 -18.06 -4.29 14.85
CA PRO C 124 -18.44 -4.31 13.43
C PRO C 124 -18.50 -5.69 12.83
N ILE C 125 -17.55 -6.56 13.19
CA ILE C 125 -17.54 -7.94 12.65
C ILE C 125 -18.82 -8.67 13.06
N GLU C 126 -19.21 -8.54 14.33
CA GLU C 126 -20.41 -9.26 14.77
CA GLU C 126 -20.41 -9.26 14.77
C GLU C 126 -21.68 -8.71 14.13
N LEU C 127 -21.73 -7.40 13.86
CA LEU C 127 -22.91 -6.87 13.19
C LEU C 127 -22.96 -7.30 11.73
N ILE C 128 -21.81 -7.42 11.08
CA ILE C 128 -21.80 -8.02 9.73
C ILE C 128 -22.29 -9.45 9.80
N ARG C 129 -21.77 -10.23 10.75
CA ARG C 129 -22.18 -11.63 10.86
C ARG C 129 -23.70 -11.74 11.03
N ALA C 130 -24.29 -10.80 11.76
CA ALA C 130 -25.72 -10.89 12.07
C ALA C 130 -26.61 -10.37 10.95
N THR C 131 -26.05 -9.63 9.99
CA THR C 131 -26.85 -9.05 8.92
C THR C 131 -26.53 -9.57 7.52
N ILE C 132 -25.44 -10.32 7.35
CA ILE C 132 -24.98 -10.64 6.00
C ILE C 132 -25.90 -11.63 5.31
N ASP C 133 -26.46 -12.60 6.06
CA ASP C 133 -27.30 -13.62 5.42
C ASP C 133 -28.52 -13.00 4.75
N GLY C 134 -29.17 -12.04 5.42
CA GLY C 134 -30.31 -11.37 4.82
C GLY C 134 -29.94 -10.60 3.56
N MET C 135 -28.81 -9.89 3.61
CA MET C 135 -28.35 -9.17 2.42
C MET C 135 -28.11 -10.11 1.26
N ILE C 136 -27.40 -11.22 1.52
CA ILE C 136 -27.12 -12.20 0.46
C ILE C 136 -28.42 -12.75 -0.10
N SER C 137 -29.39 -13.05 0.77
CA SER C 137 -30.63 -13.66 0.29
C SER C 137 -31.40 -12.71 -0.62
N ARG C 138 -31.26 -11.41 -0.43
CA ARG C 138 -31.93 -10.42 -1.25
C ARG C 138 -31.11 -9.96 -2.45
N GLY C 139 -29.85 -10.38 -2.55
CA GLY C 139 -29.04 -10.00 -3.68
C GLY C 139 -28.59 -8.56 -3.68
N PHE C 140 -28.66 -7.89 -2.54
CA PHE C 140 -28.23 -6.51 -2.43
C PHE C 140 -27.81 -6.27 -0.99
N GLY C 141 -26.69 -5.60 -0.81
CA GLY C 141 -26.27 -5.25 0.53
C GLY C 141 -25.15 -4.23 0.48
N ARG C 142 -25.08 -3.35 1.48
CA ARG C 142 -24.04 -2.35 1.57
C ARG C 142 -23.58 -2.28 3.01
N VAL C 143 -22.29 -2.48 3.25
CA VAL C 143 -21.71 -2.27 4.57
C VAL C 143 -20.64 -1.21 4.44
N VAL C 144 -20.70 -0.19 5.29
CA VAL C 144 -19.66 0.84 5.34
C VAL C 144 -19.15 0.89 6.76
N ASN C 145 -17.85 0.68 6.94
CA ASN C 145 -17.23 0.74 8.26
C ASN C 145 -16.50 2.06 8.40
N ILE C 146 -16.88 2.85 9.41
CA ILE C 146 -16.13 4.05 9.73
C ILE C 146 -14.89 3.66 10.52
N THR C 147 -13.70 3.90 9.96
CA THR C 147 -12.46 3.53 10.63
C THR C 147 -11.66 4.80 10.92
N SER C 148 -10.48 4.96 10.30
CA SER C 148 -9.61 6.08 10.65
C SER C 148 -8.43 6.10 9.69
N SER C 149 -7.85 7.28 9.51
CA SER C 149 -6.57 7.38 8.82
C SER C 149 -5.50 6.58 9.53
N SER C 150 -5.74 6.20 10.80
CA SER C 150 -4.75 5.46 11.58
C SER C 150 -4.37 4.13 10.94
N VAL C 151 -5.21 3.58 10.05
CA VAL C 151 -4.85 2.32 9.41
C VAL C 151 -3.91 2.54 8.23
N LYS C 152 -3.79 3.78 7.75
CA LYS C 152 -2.86 4.11 6.68
C LYS C 152 -1.54 4.63 7.21
N ALA C 153 -1.58 5.42 8.29
CA ALA C 153 -0.38 5.93 8.92
C ALA C 153 -0.70 6.01 10.41
N PRO C 154 0.12 5.40 11.26
CA PRO C 154 -0.22 5.37 12.69
C PRO C 154 -0.25 6.77 13.27
N ILE C 155 -1.21 6.99 14.16
CA ILE C 155 -1.35 8.26 14.88
C ILE C 155 -0.61 8.12 16.20
N ASP C 156 0.28 9.08 16.50
CA ASP C 156 1.23 8.98 17.60
C ASP C 156 0.59 8.46 18.89
N VAL C 157 -0.39 9.17 19.42
CA VAL C 157 -0.97 8.83 20.72
C VAL C 157 -2.14 7.86 20.61
N LEU C 158 -2.47 7.39 19.42
CA LEU C 158 -3.65 6.54 19.29
C LEU C 158 -3.28 5.11 18.89
N GLY C 159 -2.27 4.55 19.58
CA GLY C 159 -1.88 3.17 19.34
C GLY C 159 -3.02 2.17 19.40
N LEU C 160 -4.01 2.40 20.28
CA LEU C 160 -5.12 1.46 20.40
C LEU C 160 -5.98 1.47 19.14
N SER C 161 -6.08 2.62 18.48
CA SER C 161 -6.76 2.71 17.20
C SER C 161 -5.90 2.13 16.08
N ASN C 162 -4.63 2.52 16.04
CA ASN C 162 -3.69 1.98 15.05
C ASN C 162 -3.80 0.47 15.00
N GLY C 163 -3.88 -0.16 16.17
CA GLY C 163 -4.03 -1.60 16.23
C GLY C 163 -5.44 -2.08 15.92
N ALA C 164 -6.45 -1.66 16.70
CA ALA C 164 -7.77 -2.29 16.57
C ALA C 164 -8.38 -2.06 15.19
N ARG C 165 -8.27 -0.85 14.66
CA ARG C 165 -8.92 -0.59 13.38
C ARG C 165 -8.18 -1.26 12.24
N SER C 166 -6.86 -1.43 12.36
CA SER C 166 -6.14 -2.19 11.34
C SER C 166 -6.53 -3.65 11.38
N GLY C 167 -6.82 -4.19 12.57
CA GLY C 167 -7.33 -5.55 12.63
C GLY C 167 -8.65 -5.71 11.92
N LEU C 168 -9.58 -4.78 12.15
CA LEU C 168 -10.84 -4.81 11.42
C LEU C 168 -10.58 -4.80 9.93
N THR C 169 -9.75 -3.87 9.46
CA THR C 169 -9.53 -3.67 8.03
C THR C 169 -8.99 -4.93 7.39
N GLY C 170 -8.05 -5.62 8.07
CA GLY C 170 -7.47 -6.82 7.50
C GLY C 170 -8.48 -7.95 7.38
N PHE C 171 -9.41 -8.03 8.33
CA PHE C 171 -10.47 -9.03 8.23
C PHE C 171 -11.48 -8.65 7.15
N ILE C 172 -11.84 -7.36 7.08
CA ILE C 172 -12.84 -6.91 6.11
C ILE C 172 -12.40 -7.25 4.70
N ALA C 173 -11.09 -7.15 4.43
CA ALA C 173 -10.59 -7.45 3.09
C ALA C 173 -11.04 -8.83 2.63
N GLY C 174 -11.01 -9.81 3.53
CA GLY C 174 -11.42 -11.15 3.18
C GLY C 174 -12.91 -11.30 2.98
N VAL C 175 -13.72 -10.79 3.93
CA VAL C 175 -15.15 -11.00 3.84
CA VAL C 175 -15.16 -11.01 3.84
C VAL C 175 -15.76 -10.21 2.69
N ALA C 176 -15.22 -9.03 2.39
CA ALA C 176 -15.67 -8.27 1.22
C ALA C 176 -15.62 -9.12 -0.04
N ARG C 177 -14.50 -9.78 -0.27
CA ARG C 177 -14.37 -10.54 -1.50
C ARG C 177 -15.15 -11.85 -1.46
N LYS C 178 -15.37 -12.39 -0.26
CA LYS C 178 -16.13 -13.64 -0.11
C LYS C 178 -17.59 -13.44 -0.50
N VAL C 179 -18.20 -12.33 -0.07
CA VAL C 179 -19.64 -12.10 -0.26
C VAL C 179 -19.95 -11.29 -1.51
N ALA C 180 -18.93 -10.81 -2.22
CA ALA C 180 -19.12 -10.04 -3.44
C ALA C 180 -19.97 -10.73 -4.51
N PRO C 181 -19.96 -12.06 -4.66
CA PRO C 181 -20.81 -12.67 -5.71
C PRO C 181 -22.29 -12.44 -5.52
N ASN C 182 -22.72 -12.01 -4.33
CA ASN C 182 -24.12 -11.93 -3.98
C ASN C 182 -24.67 -10.50 -4.00
N GLY C 183 -23.99 -9.58 -4.69
CA GLY C 183 -24.53 -8.24 -4.79
C GLY C 183 -24.35 -7.42 -3.54
N VAL C 184 -23.46 -7.84 -2.66
CA VAL C 184 -23.15 -7.14 -1.42
C VAL C 184 -21.77 -6.52 -1.57
N THR C 185 -21.62 -5.27 -1.14
CA THR C 185 -20.30 -4.67 -1.04
C THR C 185 -20.02 -4.30 0.40
N ILE C 186 -18.73 -4.29 0.74
CA ILE C 186 -18.26 -3.95 2.08
C ILE C 186 -17.03 -3.08 1.90
N ASN C 187 -17.09 -1.84 2.38
CA ASN C 187 -16.03 -0.86 2.17
C ASN C 187 -15.80 -0.12 3.48
N ASN C 188 -14.64 0.52 3.57
CA ASN C 188 -14.29 1.27 4.77
C ASN C 188 -14.10 2.74 4.40
N LEU C 189 -14.61 3.63 5.26
CA LEU C 189 -14.43 5.06 5.11
C LEU C 189 -13.47 5.50 6.21
N LEU C 190 -12.36 6.11 5.82
CA LEU C 190 -11.27 6.43 6.74
C LEU C 190 -11.20 7.94 6.92
N PRO C 191 -11.70 8.49 8.01
CA PRO C 191 -11.62 9.94 8.20
C PRO C 191 -10.23 10.38 8.60
N GLY C 192 -9.79 11.49 8.00
CA GLY C 192 -8.76 12.33 8.56
C GLY C 192 -9.41 13.12 9.69
N ILE C 193 -9.02 14.37 9.90
CA ILE C 193 -9.58 15.12 11.03
C ILE C 193 -10.89 15.78 10.58
N PHE C 194 -11.96 15.50 11.33
CA PHE C 194 -13.29 16.02 11.05
C PHE C 194 -13.79 16.82 12.23
N ASP C 195 -14.51 17.90 11.91
CA ASP C 195 -14.91 18.93 12.86
C ASP C 195 -16.12 18.44 13.66
N THR C 196 -15.86 17.59 14.65
CA THR C 196 -16.88 17.04 15.55
C THR C 196 -16.52 17.36 16.99
N ASP C 197 -17.42 16.97 17.91
CA ASP C 197 -17.14 17.13 19.34
C ASP C 197 -15.92 16.34 19.77
N ARG C 198 -15.58 15.27 19.05
CA ARG C 198 -14.45 14.44 19.45
CA ARG C 198 -14.45 14.44 19.45
C ARG C 198 -13.15 15.22 19.38
N ILE C 199 -12.96 16.04 18.36
CA ILE C 199 -11.69 16.77 18.27
C ILE C 199 -11.69 18.01 19.14
N ALA C 200 -12.86 18.54 19.52
CA ALA C 200 -12.89 19.71 20.39
C ALA C 200 -12.32 19.38 21.75
N VAL C 201 -12.58 18.17 22.24
CA VAL C 201 -11.95 17.70 23.48
C VAL C 201 -10.44 17.70 23.32
N THR C 202 -9.96 17.22 22.18
CA THR C 202 -8.52 17.15 21.95
C THR C 202 -7.89 18.53 21.83
N PHE C 203 -8.55 19.44 21.11
CA PHE C 203 -8.00 20.79 20.99
C PHE C 203 -8.10 21.57 22.29
N ASP C 204 -9.18 21.37 23.06
CA ASP C 204 -9.31 22.04 24.35
CA ASP C 204 -9.30 22.05 24.34
C ASP C 204 -8.13 21.71 25.26
N ALA C 205 -7.75 20.43 25.30
CA ALA C 205 -6.61 20.04 26.11
C ALA C 205 -5.30 20.55 25.53
N ALA C 206 -5.17 20.51 24.20
CA ALA C 206 -3.94 20.95 23.56
C ALA C 206 -3.72 22.45 23.72
N ALA C 207 -4.77 23.24 23.58
CA ALA C 207 -4.65 24.68 23.78
C ALA C 207 -4.23 25.00 25.21
N LYS C 208 -4.92 24.39 26.19
CA LYS C 208 -4.63 24.69 27.59
C LYS C 208 -3.21 24.32 27.96
N ALA C 209 -2.66 23.28 27.32
CA ALA C 209 -1.29 22.88 27.61
C ALA C 209 -0.26 23.79 26.95
N GLN C 210 -0.58 24.38 25.80
CA GLN C 210 0.37 25.17 25.03
C GLN C 210 0.28 26.67 25.29
N ASN C 211 -0.67 27.13 26.11
CA ASN C 211 -0.89 28.55 26.38
C ASN C 211 -1.27 29.32 25.11
N ILE C 212 -2.09 28.70 24.26
CA ILE C 212 -2.69 29.36 23.11
C ILE C 212 -4.18 29.08 23.16
N SER C 213 -4.94 29.83 22.36
CA SER C 213 -6.37 29.57 22.30
C SER C 213 -6.66 28.29 21.51
N VAL C 214 -7.84 27.74 21.73
CA VAL C 214 -8.29 26.60 20.94
C VAL C 214 -8.37 26.98 19.47
N ASP C 215 -8.84 28.20 19.20
CA ASP C 215 -8.93 28.65 17.81
C ASP C 215 -7.56 28.67 17.16
N GLU C 216 -6.55 29.14 17.89
CA GLU C 216 -5.19 29.17 17.34
C GLU C 216 -4.64 27.77 17.15
N ALA C 217 -4.86 26.88 18.13
CA ALA C 217 -4.45 25.50 17.96
C ALA C 217 -5.11 24.86 16.75
N ARG C 218 -6.41 25.11 16.55
CA ARG C 218 -7.10 24.59 15.37
C ARG C 218 -6.49 25.16 14.10
N LYS C 219 -6.24 26.46 14.08
CA LYS C 219 -5.61 27.11 12.92
C LYS C 219 -4.25 26.48 12.60
N GLN C 220 -3.43 26.22 13.62
CA GLN C 220 -2.11 25.66 13.38
C GLN C 220 -2.20 24.26 12.79
N ARG C 221 -3.18 23.47 13.23
CA ARG C 221 -3.36 22.14 12.66
C ARG C 221 -3.82 22.24 11.21
N MET C 222 -4.79 23.13 10.93
CA MET C 222 -5.26 23.29 9.55
C MET C 222 -4.13 23.65 8.61
N ALA C 223 -3.18 24.47 9.09
CA ALA C 223 -2.09 24.90 8.23
C ALA C 223 -1.23 23.74 7.73
N THR C 224 -1.30 22.60 8.40
CA THR C 224 -0.54 21.42 8.02
C THR C 224 -1.31 20.48 7.09
N ILE C 225 -2.59 20.74 6.87
CA ILE C 225 -3.42 19.89 6.03
C ILE C 225 -3.41 20.48 4.63
N PRO C 226 -3.11 19.69 3.58
CA PRO C 226 -3.07 20.29 2.24
C PRO C 226 -4.36 21.01 1.86
N ALA C 227 -5.54 20.48 2.20
CA ALA C 227 -6.79 21.18 1.91
C ALA C 227 -7.02 22.39 2.82
N ARG C 228 -6.22 22.55 3.88
CA ARG C 228 -6.21 23.73 4.75
C ARG C 228 -7.51 23.91 5.53
N ARG C 229 -8.23 22.82 5.76
CA ARG C 229 -9.43 22.84 6.57
C ARG C 229 -9.62 21.47 7.19
N PHE C 230 -10.60 21.37 8.10
CA PHE C 230 -11.05 20.10 8.64
C PHE C 230 -12.20 19.56 7.77
N GLY C 231 -12.44 18.26 7.89
CA GLY C 231 -13.58 17.69 7.20
C GLY C 231 -14.91 18.01 7.88
N THR C 232 -16.00 17.94 7.08
CA THR C 232 -17.33 18.15 7.65
C THR C 232 -18.09 16.84 7.74
N PRO C 233 -18.85 16.63 8.82
CA PRO C 233 -19.73 15.45 8.86
C PRO C 233 -20.64 15.35 7.66
N ASP C 234 -21.10 16.47 7.12
CA ASP C 234 -21.96 16.43 5.94
C ASP C 234 -21.27 15.75 4.76
N GLU C 235 -20.05 16.19 4.42
CA GLU C 235 -19.42 15.62 3.24
C GLU C 235 -19.03 14.16 3.48
N PHE C 236 -18.70 13.81 4.73
CA PHE C 236 -18.45 12.41 5.06
C PHE C 236 -19.69 11.56 4.79
N GLY C 237 -20.86 12.04 5.24
CA GLY C 237 -22.08 11.30 5.01
C GLY C 237 -22.41 11.15 3.53
N ARG C 238 -22.08 12.16 2.72
CA ARG C 238 -22.35 12.05 1.29
C ARG C 238 -21.50 10.95 0.65
N ALA C 239 -20.24 10.84 1.05
CA ALA C 239 -19.42 9.74 0.55
C ALA C 239 -20.00 8.40 0.96
N CYS C 240 -20.44 8.30 2.23
CA CYS C 240 -21.10 7.08 2.68
C CYS C 240 -22.32 6.77 1.81
N ALA C 241 -23.17 7.78 1.57
CA ALA C 241 -24.36 7.55 0.76
C ALA C 241 -24.00 7.09 -0.64
N PHE C 242 -22.92 7.64 -1.21
CA PHE C 242 -22.54 7.17 -2.55
C PHE C 242 -22.15 5.69 -2.53
N LEU C 243 -21.35 5.29 -1.53
CA LEU C 243 -20.98 3.88 -1.41
C LEU C 243 -22.21 3.00 -1.26
N CYS C 244 -23.25 3.51 -0.60
CA CYS C 244 -24.44 2.70 -0.36
C CYS C 244 -25.39 2.68 -1.54
N SER C 245 -25.07 3.38 -2.64
CA SER C 245 -25.99 3.55 -3.75
C SER C 245 -25.89 2.40 -4.73
N VAL C 246 -26.82 2.40 -5.69
CA VAL C 246 -26.82 1.41 -6.77
C VAL C 246 -25.75 1.74 -7.81
N HIS C 247 -25.01 2.84 -7.61
CA HIS C 247 -23.94 3.23 -8.53
C HIS C 247 -22.57 2.84 -8.01
N ALA C 248 -22.49 2.20 -6.85
CA ALA C 248 -21.21 1.75 -6.30
C ALA C 248 -21.16 0.24 -6.15
N GLY C 249 -21.94 -0.50 -6.92
CA GLY C 249 -21.94 -1.94 -6.77
C GLY C 249 -20.68 -2.63 -7.26
N TYR C 250 -19.80 -1.93 -7.98
CA TYR C 250 -18.54 -2.52 -8.42
C TYR C 250 -17.37 -2.07 -7.56
N ILE C 251 -17.65 -1.47 -6.40
CA ILE C 251 -16.64 -1.03 -5.46
C ILE C 251 -16.79 -1.89 -4.22
N THR C 252 -15.81 -2.75 -3.95
CA THR C 252 -15.86 -3.51 -2.70
C THR C 252 -14.45 -3.79 -2.22
N GLY C 253 -14.33 -3.94 -0.91
CA GLY C 253 -13.03 -4.15 -0.31
C GLY C 253 -12.12 -2.94 -0.36
N GLN C 254 -12.69 -1.74 -0.53
CA GLN C 254 -11.88 -0.55 -0.69
C GLN C 254 -11.84 0.28 0.58
N ASN C 255 -10.68 0.93 0.77
CA ASN C 255 -10.45 1.83 1.89
C ASN C 255 -10.42 3.24 1.32
N TRP C 256 -11.49 3.98 1.53
CA TRP C 256 -11.61 5.34 1.00
C TRP C 256 -11.14 6.32 2.07
N LEU C 257 -10.00 6.96 1.81
CA LEU C 257 -9.42 7.93 2.74
C LEU C 257 -9.94 9.31 2.40
N ILE C 258 -10.56 9.96 3.37
CA ILE C 258 -11.14 11.29 3.18
C ILE C 258 -10.45 12.19 4.19
N ASP C 259 -9.37 12.86 3.73
CA ASP C 259 -8.49 13.51 4.70
C ASP C 259 -7.83 14.79 4.18
N GLY C 260 -8.32 15.36 3.08
CA GLY C 260 -7.73 16.60 2.60
C GLY C 260 -6.29 16.47 2.14
N GLY C 261 -5.85 15.25 1.82
CA GLY C 261 -4.49 14.99 1.38
C GLY C 261 -3.46 14.87 2.48
N ALA C 262 -3.89 14.83 3.75
CA ALA C 262 -2.94 14.88 4.86
C ALA C 262 -1.99 13.69 4.86
N TYR C 263 -2.51 12.50 4.61
CA TYR C 263 -1.66 11.32 4.46
C TYR C 263 -0.78 11.51 3.25
N PRO C 264 0.55 11.39 3.39
CA PRO C 264 1.45 11.69 2.26
C PRO C 264 1.72 10.53 1.31
N GLY C 265 1.24 9.33 1.59
CA GLY C 265 1.58 8.18 0.76
C GLY C 265 0.91 8.24 -0.61
N THR C 266 1.65 7.80 -1.62
CA THR C 266 1.11 7.75 -2.97
C THR C 266 -0.13 6.88 -3.05
N TYR C 267 -0.12 5.75 -2.36
CA TYR C 267 -1.28 4.85 -2.28
C TYR C 267 -1.68 4.72 -0.82
N HIS D 7 -34.85 9.94 -3.67
CA HIS D 7 -34.60 11.35 -3.90
C HIS D 7 -33.47 11.54 -4.90
N HIS D 8 -32.59 12.51 -4.61
CA HIS D 8 -31.48 12.80 -5.51
C HIS D 8 -30.51 13.77 -4.83
N MET D 9 -29.21 13.53 -5.01
CA MET D 9 -28.15 14.27 -4.34
C MET D 9 -27.59 15.34 -5.28
N ASP D 10 -27.62 16.60 -4.85
CA ASP D 10 -27.18 17.73 -5.68
C ASP D 10 -25.67 17.85 -5.60
N LEU D 11 -24.98 17.57 -6.71
CA LEU D 11 -23.52 17.62 -6.74
C LEU D 11 -22.96 19.04 -6.81
N GLY D 12 -23.81 20.04 -7.03
CA GLY D 12 -23.39 21.43 -6.91
C GLY D 12 -22.52 21.95 -8.04
N ILE D 13 -22.54 21.28 -9.20
CA ILE D 13 -21.64 21.64 -10.28
C ILE D 13 -22.39 22.02 -11.55
N ALA D 14 -23.69 22.31 -11.44
CA ALA D 14 -24.44 22.80 -12.59
C ALA D 14 -23.82 24.07 -13.13
N GLY D 15 -23.65 24.13 -14.45
CA GLY D 15 -23.09 25.31 -15.09
C GLY D 15 -21.58 25.40 -15.08
N LYS D 16 -20.90 24.51 -14.37
CA LYS D 16 -19.45 24.45 -14.50
C LYS D 16 -19.07 23.87 -15.86
N SER D 17 -17.79 23.97 -16.20
CA SER D 17 -17.29 23.49 -17.48
CA SER D 17 -17.28 23.50 -17.48
C SER D 17 -16.33 22.34 -17.26
N ALA D 18 -16.45 21.30 -18.09
CA ALA D 18 -15.57 20.15 -18.03
C ALA D 18 -14.97 19.89 -19.40
N LEU D 19 -13.67 19.57 -19.41
CA LEU D 19 -13.00 19.02 -20.58
C LEU D 19 -12.84 17.52 -20.33
N VAL D 20 -13.49 16.70 -21.15
CA VAL D 20 -13.50 15.25 -20.96
C VAL D 20 -12.78 14.63 -22.15
N CYS D 21 -11.62 14.05 -21.90
CA CYS D 21 -10.77 13.53 -22.96
C CYS D 21 -11.17 12.13 -23.37
N ALA D 22 -11.02 11.84 -24.66
CA ALA D 22 -11.16 10.48 -25.18
C ALA D 22 -12.52 9.91 -24.80
N ALA D 23 -13.57 10.60 -25.27
CA ALA D 23 -14.88 10.43 -24.65
C ALA D 23 -16.01 10.28 -25.66
N SER D 24 -15.74 9.83 -26.89
CA SER D 24 -16.86 9.48 -27.74
C SER D 24 -17.44 8.11 -27.40
N LYS D 25 -16.69 7.30 -26.65
CA LYS D 25 -17.07 5.93 -26.35
C LYS D 25 -16.54 5.55 -24.97
N GLY D 26 -17.07 4.46 -24.44
CA GLY D 26 -16.45 3.80 -23.31
C GLY D 26 -16.50 4.60 -22.02
N LEU D 27 -15.43 4.47 -21.23
CA LEU D 27 -15.38 5.08 -19.91
C LEU D 27 -15.42 6.59 -20.01
N GLY D 28 -14.71 7.17 -20.99
CA GLY D 28 -14.74 8.62 -21.14
C GLY D 28 -16.13 9.13 -21.45
N ARG D 29 -16.85 8.46 -22.35
CA ARG D 29 -18.24 8.84 -22.61
C ARG D 29 -19.07 8.72 -21.34
N GLY D 30 -18.84 7.66 -20.55
CA GLY D 30 -19.59 7.53 -19.31
C GLY D 30 -19.36 8.70 -18.36
N CYS D 31 -18.12 9.18 -18.28
CA CYS D 31 -17.83 10.35 -17.46
C CYS D 31 -18.52 11.59 -18.01
N ALA D 32 -18.44 11.80 -19.32
CA ALA D 32 -19.09 12.95 -19.92
C ALA D 32 -20.60 12.94 -19.66
N GLU D 33 -21.24 11.78 -19.82
CA GLU D 33 -22.68 11.74 -19.62
C GLU D 33 -23.06 11.95 -18.17
N ALA D 34 -22.28 11.41 -17.24
CA ALA D 34 -22.60 11.58 -15.83
C ALA D 34 -22.43 13.04 -15.42
N LEU D 35 -21.40 13.71 -15.94
CA LEU D 35 -21.21 15.13 -15.63
C LEU D 35 -22.32 15.97 -16.25
N ALA D 36 -22.66 15.70 -17.52
CA ALA D 36 -23.75 16.44 -18.15
C ALA D 36 -25.07 16.22 -17.43
N ALA D 37 -25.29 15.03 -16.88
CA ALA D 37 -26.51 14.75 -16.14
C ALA D 37 -26.64 15.66 -14.93
N GLU D 38 -25.52 16.13 -14.38
CA GLU D 38 -25.52 17.03 -13.24
C GLU D 38 -25.40 18.50 -13.66
N GLY D 39 -25.64 18.80 -14.93
CA GLY D 39 -25.68 20.18 -15.39
C GLY D 39 -24.35 20.75 -15.82
N VAL D 40 -23.31 19.93 -15.94
CA VAL D 40 -22.00 20.42 -16.37
C VAL D 40 -21.99 20.58 -17.88
N ASN D 41 -21.45 21.71 -18.35
CA ASN D 41 -21.22 21.91 -19.77
C ASN D 41 -19.94 21.19 -20.17
N VAL D 42 -20.04 20.22 -21.06
CA VAL D 42 -18.92 19.32 -21.34
C VAL D 42 -18.37 19.59 -22.73
N THR D 43 -17.05 19.59 -22.83
CA THR D 43 -16.32 19.55 -24.09
C THR D 43 -15.73 18.14 -24.20
N ILE D 44 -16.13 17.39 -25.21
CA ILE D 44 -15.66 16.02 -25.37
C ILE D 44 -14.72 15.94 -26.56
N VAL D 45 -13.72 15.06 -26.43
CA VAL D 45 -12.60 14.98 -27.35
C VAL D 45 -12.44 13.53 -27.81
N ALA D 46 -12.28 13.35 -29.13
CA ALA D 46 -11.92 12.05 -29.70
C ALA D 46 -11.39 12.29 -31.10
N ARG D 47 -10.78 11.26 -31.69
CA ARG D 47 -10.17 11.43 -33.00
C ARG D 47 -11.19 11.31 -34.14
N THR D 48 -12.17 10.42 -34.01
CA THR D 48 -13.10 10.12 -35.11
C THR D 48 -14.29 11.05 -35.05
N PRO D 49 -14.50 11.91 -36.05
CA PRO D 49 -15.61 12.89 -35.94
C PRO D 49 -16.99 12.27 -35.90
N GLU D 50 -17.24 11.20 -36.66
CA GLU D 50 -18.60 10.67 -36.79
C GLU D 50 -19.13 10.19 -35.44
N THR D 51 -18.36 9.33 -34.77
CA THR D 51 -18.78 8.85 -33.46
C THR D 51 -18.82 9.98 -32.44
N LEU D 52 -17.84 10.88 -32.50
CA LEU D 52 -17.79 12.00 -31.57
C LEU D 52 -19.02 12.88 -31.70
N ASP D 53 -19.38 13.23 -32.93
CA ASP D 53 -20.56 14.08 -33.14
C ASP D 53 -21.83 13.38 -32.69
N ALA D 54 -21.92 12.07 -32.90
CA ALA D 54 -23.13 11.35 -32.49
C ALA D 54 -23.26 11.30 -30.98
N THR D 55 -22.15 11.10 -30.29
CA THR D 55 -22.18 11.14 -28.82
C THR D 55 -22.52 12.53 -28.32
N ALA D 56 -21.91 13.56 -28.92
CA ALA D 56 -22.22 14.94 -28.54
C ALA D 56 -23.70 15.24 -28.71
N ALA D 57 -24.27 14.83 -29.84
CA ALA D 57 -25.69 15.09 -30.08
C ALA D 57 -26.56 14.35 -29.09
N ALA D 58 -26.17 13.14 -28.71
CA ALA D 58 -26.96 12.36 -27.76
C ALA D 58 -26.94 13.00 -26.37
N ILE D 59 -25.78 13.54 -25.96
CA ILE D 59 -25.69 14.19 -24.66
C ILE D 59 -26.50 15.49 -24.65
N ARG D 60 -26.42 16.27 -25.74
CA ARG D 60 -27.26 17.45 -25.88
C ARG D 60 -28.73 17.11 -25.70
N ALA D 61 -29.20 16.07 -26.41
CA ALA D 61 -30.62 15.73 -26.37
C ALA D 61 -31.05 15.24 -24.99
N ASN D 62 -30.17 14.54 -24.28
CA ASN D 62 -30.53 13.93 -23.00
C ASN D 62 -30.31 14.84 -21.81
N ALA D 63 -29.28 15.70 -21.84
CA ALA D 63 -28.92 16.49 -20.67
C ALA D 63 -29.28 17.96 -20.79
N GLY D 64 -29.40 18.50 -22.00
CA GLY D 64 -29.74 19.90 -22.14
C GLY D 64 -28.65 20.87 -21.75
N VAL D 65 -27.41 20.41 -21.63
CA VAL D 65 -26.29 21.28 -21.34
C VAL D 65 -25.64 21.67 -22.66
N ASP D 66 -24.69 22.59 -22.59
CA ASP D 66 -23.87 22.93 -23.75
C ASP D 66 -22.84 21.83 -23.94
N VAL D 67 -22.75 21.31 -25.16
CA VAL D 67 -21.80 20.28 -25.51
C VAL D 67 -20.94 20.76 -26.67
N GLN D 68 -19.62 20.72 -26.49
CA GLN D 68 -18.68 20.98 -27.57
C GLN D 68 -17.94 19.71 -27.90
N ALA D 69 -17.69 19.48 -29.19
CA ALA D 69 -16.99 18.32 -29.68
C ALA D 69 -15.73 18.77 -30.41
N VAL D 70 -14.57 18.32 -29.93
CA VAL D 70 -13.30 18.64 -30.58
C VAL D 70 -12.71 17.34 -31.11
N ALA D 71 -12.61 17.22 -32.43
CA ALA D 71 -12.00 16.05 -33.07
C ALA D 71 -10.50 16.29 -33.16
N CYS D 72 -9.74 15.57 -32.32
CA CYS D 72 -8.29 15.73 -32.32
C CYS D 72 -7.66 14.53 -31.63
N ASP D 73 -6.35 14.40 -31.84
CA ASP D 73 -5.52 13.42 -31.12
C ASP D 73 -5.02 14.09 -29.85
N ILE D 74 -5.55 13.69 -28.70
CA ILE D 74 -5.23 14.37 -27.46
C ILE D 74 -3.80 14.09 -27.01
N THR D 75 -3.13 13.11 -27.61
CA THR D 75 -1.78 12.76 -27.21
C THR D 75 -0.72 13.55 -27.99
N THR D 76 -1.14 14.54 -28.77
CA THR D 76 -0.22 15.43 -29.46
C THR D 76 -0.36 16.86 -28.93
N PRO D 77 0.71 17.66 -28.98
CA PRO D 77 0.56 19.06 -28.56
CA PRO D 77 0.56 19.06 -28.56
C PRO D 77 -0.45 19.84 -29.39
N GLU D 78 -0.56 19.54 -30.69
CA GLU D 78 -1.55 20.23 -31.50
CA GLU D 78 -1.55 20.20 -31.52
C GLU D 78 -2.97 19.87 -31.05
N GLY D 79 -3.19 18.61 -30.68
CA GLY D 79 -4.50 18.21 -30.17
C GLY D 79 -4.82 18.81 -28.82
N ARG D 80 -3.85 18.82 -27.90
CA ARG D 80 -4.08 19.47 -26.62
C ARG D 80 -4.41 20.95 -26.80
N ALA D 81 -3.68 21.64 -27.68
CA ALA D 81 -3.98 23.04 -27.93
C ALA D 81 -5.38 23.22 -28.49
N ALA D 82 -5.80 22.34 -29.41
CA ALA D 82 -7.13 22.46 -30.01
C ALA D 82 -8.22 22.22 -28.97
N ALA D 83 -8.02 21.24 -28.08
CA ALA D 83 -8.99 20.98 -27.02
C ALA D 83 -9.11 22.19 -26.10
N LEU D 84 -7.97 22.76 -25.69
CA LEU D 84 -8.01 23.90 -24.77
C LEU D 84 -8.50 25.17 -25.46
N ALA D 85 -8.31 25.29 -26.77
CA ALA D 85 -8.88 26.43 -27.47
C ALA D 85 -10.40 26.43 -27.35
N ALA D 86 -11.00 25.24 -27.40
CA ALA D 86 -12.46 25.13 -27.28
C ALA D 86 -12.93 25.26 -25.85
N CYS D 87 -12.14 24.79 -24.88
CA CYS D 87 -12.49 24.81 -23.47
C CYS D 87 -11.28 25.32 -22.70
N PRO D 88 -11.05 26.64 -22.70
CA PRO D 88 -9.77 27.17 -22.21
C PRO D 88 -9.66 27.28 -20.71
N GLN D 89 -10.77 27.33 -19.98
CA GLN D 89 -10.74 27.48 -18.52
C GLN D 89 -11.66 26.45 -17.88
N PRO D 90 -11.38 25.16 -18.04
CA PRO D 90 -12.25 24.15 -17.44
C PRO D 90 -12.18 24.18 -15.92
N ASP D 91 -13.35 24.00 -15.30
CA ASP D 91 -13.40 23.72 -13.86
C ASP D 91 -13.03 22.29 -13.57
N ILE D 92 -13.29 21.40 -14.53
CA ILE D 92 -13.17 19.96 -14.38
C ILE D 92 -12.40 19.43 -15.57
N LEU D 93 -11.39 18.60 -15.30
CA LEU D 93 -10.59 17.95 -16.33
C LEU D 93 -10.63 16.44 -16.08
N VAL D 94 -11.11 15.68 -17.06
CA VAL D 94 -11.07 14.22 -17.00
C VAL D 94 -10.02 13.76 -18.01
N ASN D 95 -8.92 13.22 -17.51
CA ASN D 95 -7.81 12.79 -18.37
C ASN D 95 -8.01 11.34 -18.79
N ASN D 96 -7.74 11.08 -20.07
CA ASN D 96 -8.03 9.79 -20.67
C ASN D 96 -7.43 9.79 -22.07
N ALA D 97 -7.05 8.60 -22.53
CA ALA D 97 -6.60 8.37 -23.91
C ALA D 97 -6.64 6.87 -24.14
N GLY D 98 -6.35 6.46 -25.37
CA GLY D 98 -6.23 5.04 -25.64
C GLY D 98 -5.09 4.41 -24.87
N GLY D 99 -5.24 3.13 -24.56
CA GLY D 99 -4.23 2.41 -23.82
C GLY D 99 -3.21 1.71 -24.71
N PRO D 100 -2.14 1.21 -24.11
CA PRO D 100 -1.04 0.65 -24.91
C PRO D 100 -1.34 -0.77 -25.35
N PRO D 101 -0.65 -1.26 -26.37
CA PRO D 101 -0.88 -2.62 -26.85
C PRO D 101 -0.25 -3.65 -25.94
N PRO D 102 -0.74 -4.88 -25.96
CA PRO D 102 -0.14 -5.95 -25.15
C PRO D 102 1.11 -6.53 -25.81
N GLY D 103 1.92 -7.17 -24.97
CA GLY D 103 3.06 -7.91 -25.46
C GLY D 103 3.93 -8.38 -24.32
N ASP D 104 4.93 -9.20 -24.68
CA ASP D 104 5.96 -9.59 -23.74
C ASP D 104 6.99 -8.48 -23.61
N PHE D 105 7.48 -8.26 -22.38
CA PHE D 105 8.37 -7.13 -22.14
C PHE D 105 9.63 -7.20 -22.99
N ARG D 106 10.07 -8.40 -23.37
CA ARG D 106 11.29 -8.48 -24.17
C ARG D 106 11.10 -8.01 -25.60
N ASN D 107 9.85 -7.80 -26.03
CA ASN D 107 9.55 -7.26 -27.35
C ASN D 107 9.18 -5.78 -27.33
N PHE D 108 9.15 -5.14 -26.16
CA PHE D 108 8.86 -3.71 -26.11
C PHE D 108 10.03 -2.94 -26.74
N THR D 109 9.73 -2.10 -27.72
CA THR D 109 10.73 -1.24 -28.32
C THR D 109 10.79 0.10 -27.60
N HIS D 110 11.83 0.87 -27.90
CA HIS D 110 11.90 2.23 -27.37
C HIS D 110 10.69 3.05 -27.80
N ASP D 111 10.30 2.93 -29.07
CA ASP D 111 9.12 3.65 -29.56
C ASP D 111 7.86 3.21 -28.83
N ASP D 112 7.77 1.92 -28.49
CA ASP D 112 6.62 1.45 -27.69
C ASP D 112 6.55 2.20 -26.37
N TRP D 113 7.69 2.32 -25.68
CA TRP D 113 7.73 2.98 -24.38
C TRP D 113 7.36 4.45 -24.50
N ILE D 114 7.91 5.15 -25.51
CA ILE D 114 7.58 6.57 -25.65
C ILE D 114 6.11 6.75 -25.97
N ARG D 115 5.55 5.89 -26.84
CA ARG D 115 4.13 5.98 -27.16
C ARG D 115 3.27 5.83 -25.92
N ALA D 116 3.56 4.83 -25.07
CA ALA D 116 2.77 4.63 -23.87
C ALA D 116 2.97 5.77 -22.89
N LEU D 117 4.21 6.23 -22.71
CA LEU D 117 4.47 7.31 -21.78
C LEU D 117 3.82 8.61 -22.24
N GLU D 118 3.83 8.89 -23.54
CA GLU D 118 3.15 10.07 -24.08
C GLU D 118 1.64 9.99 -23.83
N ALA D 119 1.02 8.86 -24.20
CA ALA D 119 -0.43 8.77 -24.15
C ALA D 119 -0.96 8.79 -22.73
N ASN D 120 -0.35 8.00 -21.84
CA ASN D 120 -0.97 7.68 -20.57
C ASN D 120 -0.23 8.29 -19.37
N MET D 121 0.81 9.07 -19.61
CA MET D 121 1.46 9.80 -18.53
C MET D 121 1.67 11.27 -18.89
N LEU D 122 2.37 11.55 -19.99
CA LEU D 122 2.71 12.94 -20.28
C LEU D 122 1.51 13.73 -20.78
N THR D 123 0.60 13.11 -21.53
CA THR D 123 -0.60 13.83 -21.94
C THR D 123 -1.41 14.34 -20.75
N PRO D 124 -1.76 13.51 -19.75
CA PRO D 124 -2.45 14.06 -18.57
C PRO D 124 -1.65 15.12 -17.85
N ILE D 125 -0.34 14.95 -17.73
CA ILE D 125 0.49 15.94 -17.03
C ILE D 125 0.47 17.27 -17.78
N GLU D 126 0.56 17.25 -19.10
CA GLU D 126 0.57 18.51 -19.85
CA GLU D 126 0.56 18.51 -19.85
C GLU D 126 -0.78 19.22 -19.76
N LEU D 127 -1.88 18.45 -19.75
CA LEU D 127 -3.20 19.09 -19.64
C LEU D 127 -3.41 19.69 -18.26
N ILE D 128 -2.91 19.03 -17.21
CA ILE D 128 -2.94 19.62 -15.88
C ILE D 128 -2.11 20.89 -15.83
N ARG D 129 -0.89 20.84 -16.37
CA ARG D 129 -0.03 22.03 -16.37
C ARG D 129 -0.73 23.20 -17.07
N ALA D 130 -1.46 22.92 -18.13
CA ALA D 130 -2.10 23.97 -18.92
C ALA D 130 -3.39 24.48 -18.31
N THR D 131 -3.97 23.78 -17.32
CA THR D 131 -5.26 24.16 -16.76
C THR D 131 -5.22 24.50 -15.28
N ILE D 132 -4.13 24.18 -14.58
CA ILE D 132 -4.13 24.25 -13.12
C ILE D 132 -4.19 25.69 -12.64
N ASP D 133 -3.52 26.60 -13.33
CA ASP D 133 -3.43 27.96 -12.81
C ASP D 133 -4.79 28.64 -12.84
N GLY D 134 -5.59 28.36 -13.86
CA GLY D 134 -6.95 28.89 -13.88
C GLY D 134 -7.82 28.31 -12.77
N MET D 135 -7.69 27.01 -12.52
CA MET D 135 -8.41 26.41 -11.40
C MET D 135 -8.00 27.04 -10.07
N ILE D 136 -6.69 27.20 -9.86
CA ILE D 136 -6.21 27.81 -8.63
C ILE D 136 -6.75 29.22 -8.47
N SER D 137 -6.75 30.00 -9.56
CA SER D 137 -7.18 31.38 -9.49
C SER D 137 -8.66 31.51 -9.11
N ARG D 138 -9.46 30.49 -9.46
CA ARG D 138 -10.89 30.51 -9.15
C ARG D 138 -11.23 29.81 -7.85
N GLY D 139 -10.24 29.20 -7.18
CA GLY D 139 -10.53 28.56 -5.92
C GLY D 139 -11.34 27.29 -6.00
N PHE D 140 -11.43 26.70 -7.20
CA PHE D 140 -12.16 25.45 -7.39
C PHE D 140 -11.55 24.74 -8.58
N GLY D 141 -11.32 23.43 -8.43
CA GLY D 141 -10.92 22.64 -9.56
C GLY D 141 -11.03 21.16 -9.27
N ARG D 142 -11.29 20.36 -10.30
CA ARG D 142 -11.38 18.92 -10.16
C ARG D 142 -10.64 18.29 -11.34
N VAL D 143 -9.66 17.45 -11.05
CA VAL D 143 -8.97 16.65 -12.06
C VAL D 143 -9.19 15.19 -11.70
N VAL D 144 -9.65 14.40 -12.67
CA VAL D 144 -9.80 12.96 -12.49
C VAL D 144 -9.05 12.29 -13.62
N ASN D 145 -8.08 11.43 -13.27
CA ASN D 145 -7.30 10.72 -14.27
C ASN D 145 -7.79 9.29 -14.35
N ILE D 146 -8.23 8.87 -15.53
CA ILE D 146 -8.60 7.48 -15.76
C ILE D 146 -7.31 6.69 -15.94
N THR D 147 -7.01 5.79 -15.00
CA THR D 147 -5.79 5.00 -15.13
C THR D 147 -6.12 3.52 -15.31
N SER D 148 -5.78 2.67 -14.34
CA SER D 148 -5.94 1.23 -14.50
C SER D 148 -5.65 0.53 -13.19
N SER D 149 -6.23 -0.66 -13.03
CA SER D 149 -5.82 -1.55 -11.94
C SER D 149 -4.36 -1.93 -12.06
N SER D 150 -3.75 -1.70 -13.24
CA SER D 150 -2.36 -2.07 -13.46
C SER D 150 -1.40 -1.36 -12.53
N VAL D 151 -1.80 -0.24 -11.93
CA VAL D 151 -0.93 0.44 -10.98
C VAL D 151 -0.99 -0.17 -9.59
N LYS D 152 -1.99 -1.02 -9.31
CA LYS D 152 -2.09 -1.75 -8.05
C LYS D 152 -1.51 -3.15 -8.14
N ALA D 153 -1.74 -3.84 -9.25
CA ALA D 153 -1.19 -5.16 -9.50
C ALA D 153 -0.88 -5.21 -10.99
N PRO D 154 0.35 -5.53 -11.37
CA PRO D 154 0.69 -5.53 -12.80
C PRO D 154 -0.13 -6.54 -13.57
N ILE D 155 -0.55 -6.15 -14.77
CA ILE D 155 -1.26 -7.02 -15.70
C ILE D 155 -0.25 -7.68 -16.60
N ASP D 156 -0.29 -9.01 -16.67
CA ASP D 156 0.71 -9.84 -17.35
C ASP D 156 1.20 -9.23 -18.67
N VAL D 157 0.28 -9.05 -19.62
CA VAL D 157 0.71 -8.70 -20.97
C VAL D 157 0.70 -7.18 -21.17
N LEU D 158 0.42 -6.41 -20.12
CA LEU D 158 0.30 -4.97 -20.31
C LEU D 158 1.41 -4.22 -19.56
N GLY D 159 2.65 -4.67 -19.74
CA GLY D 159 3.78 -4.00 -19.11
C GLY D 159 3.87 -2.52 -19.43
N LEU D 160 3.49 -2.13 -20.66
CA LEU D 160 3.54 -0.72 -21.02
C LEU D 160 2.57 0.10 -20.19
N SER D 161 1.43 -0.49 -19.81
CA SER D 161 0.50 0.18 -18.90
C SER D 161 1.03 0.14 -17.48
N ASN D 162 1.48 -1.04 -17.02
CA ASN D 162 2.08 -1.16 -15.69
C ASN D 162 3.11 -0.06 -15.44
N GLY D 163 3.92 0.25 -16.45
CA GLY D 163 4.89 1.30 -16.29
C GLY D 163 4.33 2.69 -16.45
N ALA D 164 3.72 2.99 -17.61
CA ALA D 164 3.36 4.39 -17.88
C ALA D 164 2.34 4.93 -16.89
N ARG D 165 1.32 4.14 -16.55
CA ARG D 165 0.30 4.68 -15.66
C ARG D 165 0.79 4.79 -14.23
N SER D 166 1.71 3.91 -13.83
CA SER D 166 2.34 4.06 -12.52
C SER D 166 3.21 5.31 -12.46
N GLY D 167 3.84 5.65 -13.57
CA GLY D 167 4.57 6.92 -13.63
C GLY D 167 3.65 8.10 -13.41
N LEU D 168 2.52 8.13 -14.11
CA LEU D 168 1.54 9.19 -13.88
C LEU D 168 1.15 9.26 -12.41
N THR D 169 0.80 8.10 -11.84
CA THR D 169 0.26 8.08 -10.49
C THR D 169 1.26 8.60 -9.48
N GLY D 170 2.54 8.25 -9.65
CA GLY D 170 3.55 8.73 -8.72
C GLY D 170 3.73 10.22 -8.78
N PHE D 171 3.62 10.81 -9.98
CA PHE D 171 3.69 12.27 -10.10
C PHE D 171 2.43 12.93 -9.53
N ILE D 172 1.25 12.37 -9.84
CA ILE D 172 0.00 12.95 -9.39
C ILE D 172 -0.02 13.07 -7.87
N ALA D 173 0.57 12.10 -7.18
CA ALA D 173 0.62 12.13 -5.71
C ALA D 173 1.17 13.46 -5.22
N GLY D 174 2.21 13.97 -5.87
CA GLY D 174 2.81 15.21 -5.41
C GLY D 174 1.98 16.43 -5.77
N VAL D 175 1.52 16.52 -7.02
CA VAL D 175 0.83 17.74 -7.42
C VAL D 175 -0.51 17.85 -6.72
N ALA D 176 -1.20 16.72 -6.48
CA ALA D 176 -2.46 16.77 -5.76
C ALA D 176 -2.31 17.46 -4.42
N ARG D 177 -1.24 17.14 -3.70
CA ARG D 177 -1.10 17.76 -2.38
C ARG D 177 -0.59 19.19 -2.49
N LYS D 178 0.20 19.48 -3.53
CA LYS D 178 0.72 20.84 -3.74
C LYS D 178 -0.41 21.84 -4.00
N VAL D 179 -1.42 21.46 -4.79
CA VAL D 179 -2.45 22.41 -5.20
C VAL D 179 -3.69 22.36 -4.31
N ALA D 180 -3.74 21.42 -3.35
CA ALA D 180 -4.91 21.31 -2.50
C ALA D 180 -5.27 22.57 -1.69
N PRO D 181 -4.32 23.45 -1.30
CA PRO D 181 -4.73 24.63 -0.54
C PRO D 181 -5.67 25.56 -1.30
N ASN D 182 -5.81 25.39 -2.62
CA ASN D 182 -6.54 26.32 -3.46
C ASN D 182 -7.90 25.78 -3.89
N GLY D 183 -8.44 24.79 -3.18
CA GLY D 183 -9.73 24.27 -3.55
C GLY D 183 -9.74 23.38 -4.76
N VAL D 184 -8.57 22.88 -5.17
CA VAL D 184 -8.45 21.96 -6.29
C VAL D 184 -8.18 20.56 -5.73
N THR D 185 -8.84 19.55 -6.29
CA THR D 185 -8.51 18.17 -5.97
C THR D 185 -8.10 17.44 -7.26
N ILE D 186 -7.24 16.45 -7.09
CA ILE D 186 -6.74 15.64 -8.20
C ILE D 186 -6.76 14.20 -7.72
N ASN D 187 -7.54 13.35 -8.38
CA ASN D 187 -7.71 11.97 -7.97
C ASN D 187 -7.62 11.08 -9.20
N ASN D 188 -7.38 9.79 -8.97
CA ASN D 188 -7.30 8.82 -10.05
C ASN D 188 -8.40 7.78 -9.87
N LEU D 189 -9.05 7.44 -10.98
CA LEU D 189 -10.04 6.36 -11.02
C LEU D 189 -9.41 5.20 -11.77
N LEU D 190 -9.32 4.05 -11.10
CA LEU D 190 -8.62 2.88 -11.60
C LEU D 190 -9.63 1.82 -12.01
N PRO D 191 -9.93 1.66 -13.29
CA PRO D 191 -10.88 0.61 -13.68
C PRO D 191 -10.26 -0.78 -13.59
N GLY D 192 -11.05 -1.72 -13.06
CA GLY D 192 -10.85 -3.12 -13.36
C GLY D 192 -11.38 -3.39 -14.74
N ILE D 193 -12.00 -4.54 -14.99
CA ILE D 193 -12.49 -4.83 -16.33
C ILE D 193 -13.87 -4.23 -16.51
N PHE D 194 -14.00 -3.37 -17.52
CA PHE D 194 -15.24 -2.68 -17.82
C PHE D 194 -15.68 -3.06 -19.22
N ASP D 195 -17.00 -3.19 -19.38
CA ASP D 195 -17.58 -3.81 -20.58
C ASP D 195 -17.68 -2.77 -21.70
N THR D 196 -16.51 -2.44 -22.28
CA THR D 196 -16.39 -1.50 -23.39
C THR D 196 -15.93 -2.24 -24.65
N ASP D 197 -15.77 -1.47 -25.73
CA ASP D 197 -15.26 -2.01 -26.98
C ASP D 197 -13.86 -2.57 -26.84
N ARG D 198 -13.05 -1.99 -25.94
CA ARG D 198 -11.66 -2.39 -25.81
C ARG D 198 -11.53 -3.84 -25.33
N ILE D 199 -12.41 -4.29 -24.43
CA ILE D 199 -12.32 -5.66 -23.98
C ILE D 199 -12.99 -6.63 -24.94
N ALA D 200 -13.93 -6.15 -25.77
CA ALA D 200 -14.51 -7.02 -26.79
C ALA D 200 -13.46 -7.48 -27.78
N VAL D 201 -12.49 -6.62 -28.10
CA VAL D 201 -11.41 -7.00 -29.00
C VAL D 201 -10.61 -8.15 -28.41
N THR D 202 -10.44 -8.15 -27.08
CA THR D 202 -9.71 -9.23 -26.44
C THR D 202 -10.54 -10.51 -26.42
N PHE D 203 -11.86 -10.39 -26.21
CA PHE D 203 -12.71 -11.57 -26.12
C PHE D 203 -13.00 -12.18 -27.47
N ASP D 204 -13.14 -11.36 -28.52
CA ASP D 204 -13.30 -11.89 -29.87
C ASP D 204 -12.08 -12.71 -30.27
N ALA D 205 -10.87 -12.18 -30.01
CA ALA D 205 -9.66 -12.91 -30.36
C ALA D 205 -9.48 -14.15 -29.49
N ALA D 206 -10.01 -14.13 -28.27
CA ALA D 206 -9.95 -15.31 -27.43
C ALA D 206 -10.93 -16.38 -27.89
N ALA D 207 -12.19 -15.99 -28.10
CA ALA D 207 -13.21 -16.95 -28.55
C ALA D 207 -12.80 -17.60 -29.86
N LYS D 208 -12.35 -16.80 -30.83
CA LYS D 208 -11.98 -17.35 -32.14
C LYS D 208 -10.77 -18.27 -32.03
N ALA D 209 -9.78 -17.89 -31.22
CA ALA D 209 -8.58 -18.72 -31.08
C ALA D 209 -8.90 -20.05 -30.42
N GLN D 210 -9.63 -20.01 -29.31
CA GLN D 210 -9.94 -21.21 -28.54
C GLN D 210 -11.13 -22.00 -29.10
N ASN D 211 -11.78 -21.49 -30.16
CA ASN D 211 -12.96 -22.12 -30.76
C ASN D 211 -14.08 -22.31 -29.74
N ILE D 212 -14.45 -21.21 -29.08
CA ILE D 212 -15.61 -21.13 -28.20
C ILE D 212 -16.39 -19.87 -28.54
N SER D 213 -17.56 -19.73 -27.93
CA SER D 213 -18.37 -18.53 -28.16
C SER D 213 -17.81 -17.35 -27.36
N VAL D 214 -18.12 -16.14 -27.83
CA VAL D 214 -17.72 -14.95 -27.09
C VAL D 214 -18.38 -14.95 -25.72
N ASP D 215 -19.64 -15.39 -25.65
CA ASP D 215 -20.34 -15.44 -24.38
C ASP D 215 -19.62 -16.36 -23.39
N GLU D 216 -19.17 -17.53 -23.86
CA GLU D 216 -18.43 -18.45 -23.00
C GLU D 216 -17.12 -17.83 -22.54
N ALA D 217 -16.39 -17.20 -23.47
CA ALA D 217 -15.13 -16.54 -23.11
C ALA D 217 -15.36 -15.47 -22.04
N ARG D 218 -16.42 -14.67 -22.19
CA ARG D 218 -16.71 -13.64 -21.19
C ARG D 218 -17.10 -14.26 -19.86
N LYS D 219 -17.88 -15.34 -19.89
CA LYS D 219 -18.33 -15.99 -18.66
C LYS D 219 -17.15 -16.56 -17.88
N GLN D 220 -16.15 -17.10 -18.59
CA GLN D 220 -14.96 -17.61 -17.92
C GLN D 220 -14.26 -16.51 -17.14
N ARG D 221 -14.16 -15.32 -17.74
CA ARG D 221 -13.51 -14.21 -17.06
C ARG D 221 -14.35 -13.71 -15.88
N MET D 222 -15.67 -13.61 -16.05
CA MET D 222 -16.52 -13.12 -14.97
C MET D 222 -16.41 -14.00 -13.74
N ALA D 223 -16.26 -15.31 -13.94
CA ALA D 223 -16.20 -16.24 -12.81
C ALA D 223 -15.00 -15.99 -11.91
N THR D 224 -13.97 -15.31 -12.40
CA THR D 224 -12.80 -15.00 -11.59
C THR D 224 -12.90 -13.67 -10.86
N ILE D 225 -13.96 -12.91 -11.10
CA ILE D 225 -14.16 -11.61 -10.46
C ILE D 225 -15.07 -11.81 -9.26
N PRO D 226 -14.68 -11.39 -8.05
CA PRO D 226 -15.58 -11.56 -6.90
C PRO D 226 -17.00 -11.05 -7.15
N ALA D 227 -17.17 -9.89 -7.79
CA ALA D 227 -18.51 -9.40 -8.10
C ALA D 227 -19.22 -10.19 -9.19
N ARG D 228 -18.49 -11.05 -9.93
CA ARG D 228 -19.08 -11.95 -10.93
C ARG D 228 -19.72 -11.21 -12.09
N ARG D 229 -19.25 -10.00 -12.37
CA ARG D 229 -19.68 -9.24 -13.54
C ARG D 229 -18.54 -8.32 -13.93
N PHE D 230 -18.69 -7.70 -15.10
CA PHE D 230 -17.82 -6.59 -15.53
C PHE D 230 -18.42 -5.27 -15.09
N GLY D 231 -17.58 -4.24 -15.09
CA GLY D 231 -18.06 -2.90 -14.73
C GLY D 231 -18.80 -2.24 -15.89
N THR D 232 -19.71 -1.33 -15.54
CA THR D 232 -20.45 -0.62 -16.58
C THR D 232 -19.89 0.78 -16.77
N PRO D 233 -19.84 1.29 -18.00
CA PRO D 233 -19.40 2.70 -18.17
C PRO D 233 -20.24 3.67 -17.37
N ASP D 234 -21.55 3.41 -17.21
CA ASP D 234 -22.40 4.30 -16.44
C ASP D 234 -21.91 4.47 -15.00
N GLU D 235 -21.65 3.34 -14.31
CA GLU D 235 -21.27 3.46 -12.90
C GLU D 235 -19.90 4.05 -12.75
N PHE D 236 -19.02 3.80 -13.71
CA PHE D 236 -17.71 4.45 -13.69
C PHE D 236 -17.89 5.96 -13.77
N GLY D 237 -18.74 6.42 -14.69
CA GLY D 237 -18.97 7.85 -14.81
C GLY D 237 -19.59 8.45 -13.56
N ARG D 238 -20.47 7.69 -12.89
CA ARG D 238 -21.07 8.22 -11.66
C ARG D 238 -20.03 8.44 -10.57
N ALA D 239 -19.05 7.52 -10.43
CA ALA D 239 -17.96 7.75 -9.49
C ALA D 239 -17.17 8.99 -9.86
N CYS D 240 -16.88 9.16 -11.16
CA CYS D 240 -16.21 10.38 -11.61
C CYS D 240 -17.00 11.61 -11.22
N ALA D 241 -18.31 11.60 -11.47
CA ALA D 241 -19.12 12.77 -11.14
C ALA D 241 -19.09 13.06 -9.65
N PHE D 242 -19.09 12.03 -8.80
CA PHE D 242 -19.00 12.29 -7.37
C PHE D 242 -17.68 12.96 -7.01
N LEU D 243 -16.57 12.46 -7.55
CA LEU D 243 -15.28 13.09 -7.30
C LEU D 243 -15.26 14.55 -7.75
N CYS D 244 -15.98 14.87 -8.81
CA CYS D 244 -16.00 16.23 -9.32
C CYS D 244 -16.97 17.14 -8.55
N SER D 245 -17.67 16.60 -7.56
CA SER D 245 -18.74 17.35 -6.92
C SER D 245 -18.21 18.23 -5.79
N VAL D 246 -19.12 19.06 -5.28
CA VAL D 246 -18.82 19.89 -4.12
C VAL D 246 -18.76 19.08 -2.84
N HIS D 247 -19.12 17.81 -2.90
CA HIS D 247 -19.12 16.93 -1.73
C HIS D 247 -17.85 16.09 -1.62
N ALA D 248 -16.92 16.24 -2.56
CA ALA D 248 -15.65 15.51 -2.55
C ALA D 248 -14.47 16.46 -2.39
N GLY D 249 -14.69 17.65 -1.83
CA GLY D 249 -13.60 18.61 -1.69
C GLY D 249 -12.54 18.21 -0.69
N TYR D 250 -12.81 17.22 0.16
CA TYR D 250 -11.81 16.74 1.12
C TYR D 250 -11.17 15.45 0.67
N ILE D 251 -11.34 15.08 -0.61
CA ILE D 251 -10.75 13.88 -1.18
C ILE D 251 -9.74 14.34 -2.22
N THR D 252 -8.45 14.12 -1.96
CA THR D 252 -7.47 14.45 -3.00
C THR D 252 -6.26 13.53 -2.88
N GLY D 253 -5.59 13.34 -4.00
CA GLY D 253 -4.49 12.39 -4.08
C GLY D 253 -4.89 10.95 -3.88
N GLN D 254 -6.16 10.61 -4.14
CA GLN D 254 -6.63 9.25 -3.87
C GLN D 254 -6.74 8.45 -5.15
N ASN D 255 -6.46 7.16 -5.02
CA ASN D 255 -6.56 6.18 -6.11
C ASN D 255 -7.77 5.31 -5.83
N TRP D 256 -8.85 5.53 -6.57
CA TRP D 256 -10.12 4.83 -6.34
C TRP D 256 -10.20 3.66 -7.30
N LEU D 257 -10.04 2.46 -6.76
CA LEU D 257 -10.09 1.23 -7.55
C LEU D 257 -11.53 0.75 -7.64
N ILE D 258 -12.02 0.57 -8.86
CA ILE D 258 -13.41 0.19 -9.12
C ILE D 258 -13.32 -1.10 -9.92
N ASP D 259 -13.35 -2.24 -9.22
CA ASP D 259 -12.97 -3.48 -9.89
C ASP D 259 -13.71 -4.71 -9.39
N GLY D 260 -14.83 -4.55 -8.68
CA GLY D 260 -15.57 -5.72 -8.24
C GLY D 260 -14.81 -6.61 -7.30
N GLY D 261 -13.79 -6.08 -6.62
CA GLY D 261 -13.00 -6.85 -5.68
C GLY D 261 -11.91 -7.71 -6.29
N ALA D 262 -11.61 -7.54 -7.59
CA ALA D 262 -10.70 -8.47 -8.27
C ALA D 262 -9.26 -8.35 -7.74
N TYR D 263 -8.79 -7.14 -7.50
CA TYR D 263 -7.50 -6.97 -6.88
C TYR D 263 -7.55 -7.54 -5.46
N PRO D 264 -6.66 -8.46 -5.09
CA PRO D 264 -6.78 -9.13 -3.79
C PRO D 264 -6.13 -8.39 -2.64
N GLY D 265 -5.45 -7.27 -2.87
CA GLY D 265 -4.72 -6.62 -1.81
C GLY D 265 -5.64 -5.95 -0.80
N THR D 266 -5.25 -6.02 0.47
CA THR D 266 -6.03 -5.38 1.52
C THR D 266 -6.14 -3.88 1.30
N TYR D 267 -5.06 -3.25 0.86
CA TYR D 267 -5.04 -1.83 0.53
C TYR D 267 -4.68 -1.66 -0.93
PA NAP E . 5.48 -24.95 13.09
O1A NAP E . 6.46 -25.59 12.18
O2A NAP E . 4.31 -25.81 13.52
O5B NAP E . 6.31 -24.46 14.37
C5B NAP E . 5.62 -23.79 15.43
C4B NAP E . 6.55 -23.73 16.60
O4B NAP E . 6.00 -22.83 17.59
C3B NAP E . 6.79 -25.05 17.33
O3B NAP E . 8.09 -25.06 17.90
C2B NAP E . 5.72 -24.99 18.42
O2B NAP E . 6.06 -25.94 19.46
C1B NAP E . 5.81 -23.52 18.82
N9A NAP E . 4.62 -22.97 19.45
C8A NAP E . 3.37 -22.90 18.89
N7A NAP E . 2.49 -22.26 19.62
C5A NAP E . 3.22 -21.88 20.75
C6A NAP E . 2.87 -21.19 21.93
N6A NAP E . 1.63 -20.72 22.17
N1A NAP E . 3.83 -21.00 22.85
C2A NAP E . 5.06 -21.47 22.61
N3A NAP E . 5.51 -22.14 21.55
C4A NAP E . 4.54 -22.32 20.65
O3 NAP E . 4.88 -23.62 12.44
PN NAP E . 5.48 -22.53 11.44
O1N NAP E . 6.89 -22.27 11.78
O2N NAP E . 5.15 -22.95 10.06
O5D NAP E . 4.56 -21.28 11.83
C5D NAP E . 5.03 -20.26 12.73
C4D NAP E . 4.04 -19.12 12.63
O4D NAP E . 4.09 -18.58 11.29
C3D NAP E . 2.58 -19.50 12.88
O3D NAP E . 1.89 -18.43 13.52
C2D NAP E . 2.03 -19.69 11.47
O2D NAP E . 0.63 -19.52 11.34
C1D NAP E . 2.79 -18.55 10.77
N1N NAP E . 2.87 -18.71 9.29
C2N NAP E . 3.29 -19.86 8.76
C3N NAP E . 3.43 -19.97 7.38
C7N NAP E . 3.90 -21.20 6.67
O7N NAP E . 3.58 -21.36 5.48
N7N NAP E . 4.54 -22.13 7.37
C4N NAP E . 3.20 -18.84 6.61
C5N NAP E . 2.75 -17.67 7.20
C6N NAP E . 2.58 -17.62 8.55
P2B NAP E . 4.94 -26.43 20.53
O1X NAP E . 4.64 -25.27 21.40
O2X NAP E . 3.72 -26.91 19.75
O3X NAP E . 5.64 -27.60 21.26
O16 TCE F . -1.95 -17.62 10.17
C14 TCE F . -1.50 -17.50 8.99
O15 TCE F . -1.71 -16.45 8.34
C5 TCE F . -0.74 -18.66 8.36
C2 TCE F . -0.61 -18.38 6.86
P TCE F . 0.57 -19.62 6.12
C3 TCE F . 0.28 -21.32 6.78
C6 TCE F . -1.10 -21.66 6.23
C8 TCE F . -1.50 -23.00 6.82
O10 TCE F . -1.88 -23.90 6.03
O9 TCE F . -1.43 -23.19 8.06
C1 TCE F . 0.42 -19.56 4.29
C4 TCE F . 0.77 -18.14 3.85
C11 TCE F . 0.57 -18.07 2.35
O12 TCE F . 0.86 -17.02 1.71
O13 TCE F . 0.11 -19.08 1.75
S1 MPO G . -15.51 -22.18 20.73
O1 MPO G . -15.19 -22.81 22.07
O2 MPO G . -16.92 -22.69 20.51
O4 MPO G . -13.62 -22.11 12.98
N1 MPO G . -13.90 -22.36 15.83
C1 MPO G . -14.37 -22.78 19.45
O3 MPO G . -15.52 -20.68 20.83
C2 MPO G . -14.93 -22.55 18.05
C3 MPO G . -13.98 -23.19 17.02
C4 MPO G . -12.63 -22.56 15.19
C5 MPO G . -12.52 -21.83 13.86
C6 MPO G . -14.89 -21.92 13.62
C7 MPO G . -15.00 -22.66 14.96
PA NAP H . 26.29 10.27 -5.82
O1A NAP H . 26.96 10.17 -4.50
O2A NAP H . 26.42 11.63 -6.49
O5B NAP H . 26.81 9.14 -6.82
C5B NAP H . 26.30 9.07 -8.16
C4B NAP H . 27.18 8.11 -8.92
O4B NAP H . 26.58 7.81 -10.19
C3B NAP H . 28.57 8.65 -9.23
O3B NAP H . 29.48 7.55 -9.29
C2B NAP H . 28.35 9.25 -10.61
O2B NAP H . 29.61 9.39 -11.29
C1B NAP H . 27.46 8.17 -11.23
N9A NAP H . 26.65 8.62 -12.35
C8A NAP H . 25.77 9.67 -12.36
N7A NAP H . 25.13 9.81 -13.51
C5A NAP H . 25.65 8.80 -14.30
C6A NAP H . 25.42 8.45 -15.64
N6A NAP H . 24.59 9.10 -16.45
N1A NAP H . 26.12 7.39 -16.14
C2A NAP H . 26.98 6.76 -15.34
N3A NAP H . 27.29 7.01 -14.06
C4A NAP H . 26.59 8.06 -13.60
O3 NAP H . 24.73 9.98 -5.68
PN NAP H . 23.90 9.00 -4.73
O1N NAP H . 24.65 7.75 -4.53
O2N NAP H . 23.44 9.79 -3.57
O5D NAP H . 22.62 8.75 -5.64
C5D NAP H . 22.49 7.61 -6.52
C4D NAP H . 21.05 7.57 -6.98
O4D NAP H . 20.18 7.38 -5.83
C3D NAP H . 20.55 8.84 -7.66
O3D NAP H . 19.62 8.50 -8.69
C2D NAP H . 19.85 9.58 -6.52
O2D NAP H . 18.85 10.52 -6.93
C1D NAP H . 19.21 8.39 -5.82
N1N NAP H . 18.82 8.65 -4.41
C2N NAP H . 19.70 9.19 -3.55
C3N NAP H . 19.32 9.42 -2.24
C7N NAP H . 20.23 9.94 -1.18
O7N NAP H . 19.74 10.41 -0.15
N7N NAP H . 21.53 9.98 -1.44
C4N NAP H . 18.03 9.05 -1.85
C5N NAP H . 17.15 8.53 -2.77
C6N NAP H . 17.56 8.34 -4.06
P2B NAP H . 29.80 10.34 -12.59
O1X NAP H . 29.09 9.69 -13.72
O2X NAP H . 29.26 11.71 -12.20
O3X NAP H . 31.32 10.36 -12.77
O16 TCE I . 14.21 10.70 -5.64
C14 TCE I . 15.33 11.21 -5.96
O15 TCE I . 15.61 11.43 -7.16
C5 TCE I . 16.34 11.56 -4.89
C2 TCE I . 15.65 11.53 -3.54
P TCE I . 16.97 11.59 -2.24
C3 TCE I . 18.33 12.77 -2.64
C6 TCE I . 17.74 14.17 -2.70
C8 TCE I . 18.84 15.07 -3.26
O10 TCE I . 19.54 14.68 -4.24
O9 TCE I . 19.05 16.19 -2.73
C1 TCE I . 16.22 11.90 -0.57
C4 TCE I . 15.17 10.83 -0.33
C11 TCE I . 14.46 11.18 0.97
O12 TCE I . 14.73 12.26 1.57
O13 TCE I . 13.61 10.39 1.47
PA NAP J . -18.71 12.09 17.99
O1A NAP J . -18.98 13.39 17.32
O2A NAP J . -18.42 12.18 19.48
O5B NAP J . -19.95 11.14 17.76
C5B NAP J . -19.97 9.86 18.42
C4B NAP J . -21.37 9.34 18.30
O4B NAP J . -21.37 7.91 18.55
C3B NAP J . -22.36 9.93 19.30
O3B NAP J . -23.67 9.86 18.73
C2B NAP J . -22.22 8.96 20.46
O2B NAP J . -23.36 9.11 21.32
C1B NAP J . -22.16 7.63 19.69
N9A NAP J . -21.52 6.54 20.40
C8A NAP J . -20.24 6.49 20.88
N7A NAP J . -19.90 5.33 21.39
C5A NAP J . -21.05 4.56 21.24
C6A NAP J . -21.35 3.24 21.63
N6A NAP J . -20.48 2.43 22.22
N1A NAP J . -22.60 2.79 21.37
C2A NAP J . -23.47 3.61 20.78
N3A NAP J . -23.29 4.87 20.37
C4A NAP J . -22.06 5.29 20.64
O3 NAP J . -17.48 11.34 17.30
PN NAP J . -17.00 11.31 15.78
O1N NAP J . -18.17 11.23 14.88
O2N NAP J . -15.99 12.37 15.60
O5D NAP J . -16.25 9.90 15.73
C5D NAP J . -16.91 8.70 15.31
C4D NAP J . -15.84 7.64 15.17
O4D NAP J . -14.87 8.05 14.18
C3D NAP J . -15.03 7.38 16.44
O3D NAP J . -14.65 6.01 16.52
C2D NAP J . -13.79 8.25 16.24
O2D NAP J . -12.64 7.85 16.96
C1D NAP J . -13.59 8.02 14.74
N1N NAP J . -12.75 9.06 14.08
C2N NAP J . -13.03 10.36 14.26
C3N NAP J . -12.30 11.32 13.57
C7N NAP J . -12.50 12.80 13.66
O7N NAP J . -11.56 13.55 13.36
N7N NAP J . -13.63 13.25 14.19
C4N NAP J . -11.36 10.88 12.64
C5N NAP J . -11.10 9.53 12.48
C6N NAP J . -11.80 8.63 13.23
P2B NAP J . -23.37 8.53 22.82
O1X NAP J . -23.38 7.05 22.71
O2X NAP J . -22.13 9.10 23.53
O3X NAP J . -24.66 9.14 23.41
O16 TCE K . -8.29 6.84 15.07
C14 TCE K . -9.09 7.28 15.95
O15 TCE K . -9.53 6.54 16.87
C5 TCE K . -9.51 8.75 15.90
C2 TCE K . -8.63 9.44 14.87
P TCE K . -9.35 11.10 14.51
C3 TCE K . -9.97 11.95 16.04
C6 TCE K . -8.75 12.18 16.93
C8 TCE K . -9.25 12.74 18.25
O10 TCE K . -10.16 12.14 18.89
O9 TCE K . -8.75 13.82 18.69
C1 TCE K . -8.12 12.17 13.60
C4 TCE K . -7.67 11.41 12.36
C11 TCE K . -6.55 12.21 11.71
O12 TCE K . -6.08 13.21 12.31
O13 TCE K . -6.10 11.84 10.59
S1 MPO L . -7.33 0.01 33.21
O1 MPO L . -8.62 -0.21 33.96
O2 MPO L . -6.98 -1.22 32.39
O4 MPO L . -4.04 5.08 28.00
N1 MPO L . -5.41 3.53 30.00
C1 MPO L . -7.45 1.51 32.18
O3 MPO L . -6.35 0.20 34.33
C2 MPO L . -6.07 2.07 31.84
C3 MPO L . -6.22 3.46 31.21
C4 MPO L . -4.17 4.17 30.27
C5 MPO L . -3.33 4.40 29.02
C6 MPO L . -5.35 4.58 27.72
C7 MPO L . -6.16 4.16 28.95
PA NAP M . -12.94 2.63 -25.59
O1A NAP M . -14.29 2.07 -25.32
O2A NAP M . -12.27 2.01 -26.80
O5B NAP M . -13.02 4.21 -25.76
C5B NAP M . -11.82 4.96 -26.01
C4B NAP M . -12.22 6.36 -26.36
O4B NAP M . -11.05 7.20 -26.41
C3B NAP M . -12.89 6.51 -27.73
O3B NAP M . -13.82 7.58 -27.67
C2B NAP M . -11.70 6.87 -28.61
O2B NAP M . -12.18 7.50 -29.81
C1B NAP M . -10.94 7.81 -27.68
N9A NAP M . -9.53 7.97 -27.99
C8A NAP M . -8.58 6.98 -28.08
N7A NAP M . -7.37 7.43 -28.34
C5A NAP M . -7.54 8.80 -28.44
C6A NAP M . -6.65 9.85 -28.72
N6A NAP M . -5.35 9.67 -28.99
N1A NAP M . -7.13 11.10 -28.75
C2A NAP M . -8.44 11.29 -28.51
N3A NAP M . -9.38 10.38 -28.25
C4A NAP M . -8.86 9.15 -28.22
O3 NAP M . -11.95 2.31 -24.37
PN NAP M . -12.19 2.24 -22.79
O1N NAP M . -13.16 3.29 -22.42
O2N NAP M . -12.42 0.83 -22.42
O5D NAP M . -10.74 2.67 -22.28
C5D NAP M . -10.39 4.03 -22.00
C4D NAP M . -9.06 3.97 -21.29
O4D NAP M . -9.22 3.20 -20.08
C3D NAP M . -7.93 3.30 -22.07
O3D NAP M . -6.70 3.96 -21.77
C2D NAP M . -7.95 1.88 -21.51
O2D NAP M . -6.75 1.13 -21.68
C1D NAP M . -8.24 2.19 -20.05
N1N NAP M . -8.76 1.04 -19.27
C2N NAP M . -9.81 0.32 -19.72
C3N NAP M . -10.31 -0.73 -18.97
C7N NAP M . -11.46 -1.58 -19.39
O7N NAP M . -11.59 -2.70 -18.88
N7N NAP M . -12.23 -1.17 -20.39
C4N NAP M . -9.75 -0.96 -17.73
C5N NAP M . -8.67 -0.22 -17.29
C6N NAP M . -8.18 0.78 -18.09
P2B NAP M . -11.28 7.61 -31.16
O1X NAP M . -10.23 8.64 -30.91
O2X NAP M . -10.72 6.23 -31.44
O3X NAP M . -12.29 8.05 -32.22
O16 TCE N . -3.98 -0.24 -20.24
C14 TCE N . -4.61 -0.87 -19.35
O15 TCE N . -4.15 -0.98 -18.17
C5 TCE N . -5.95 -1.51 -19.68
C2 TCE N . -6.26 -2.53 -18.59
P TCE N . -8.05 -3.00 -18.78
C3 TCE N . -8.49 -3.24 -20.56
C6 TCE N . -7.80 -4.51 -21.05
C8 TCE N . -7.86 -4.55 -22.58
O10 TCE N . -7.75 -5.65 -23.18
O9 TCE N . -8.00 -3.48 -23.25
C1 TCE N . -8.49 -4.43 -17.68
C4 TCE N . -8.17 -4.05 -16.24
C11 TCE N . -8.29 -5.31 -15.40
O12 TCE N . -8.26 -5.23 -14.13
O13 TCE N . -8.43 -6.42 -15.96
S1 MPO O . 7.62 -0.94 -33.33
O1 MPO O . 7.42 -0.05 -34.54
O2 MPO O . 8.64 -1.93 -33.84
O4 MPO O . 4.34 -5.72 -27.91
N1 MPO O . 5.06 -3.85 -29.94
C1 MPO O . 6.07 -1.76 -32.88
O3 MPO O . 8.17 -0.15 -32.16
C2 MPO O . 6.30 -2.70 -31.70
C3 MPO O . 4.98 -3.35 -31.31
C4 MPO O . 3.78 -3.80 -29.32
C5 MPO O . 3.80 -4.40 -27.92
C6 MPO O . 5.64 -5.76 -28.52
C7 MPO O . 5.63 -5.15 -29.92
#